data_5HJ5
#
_entry.id   5HJ5
#
_cell.length_a   113.093
_cell.length_b   113.093
_cell.length_c   215.683
_cell.angle_alpha   90.000
_cell.angle_beta   90.000
_cell.angle_gamma   120.000
#
_symmetry.space_group_name_H-M   'P 63'
#
loop_
_entity.id
_entity.type
_entity.pdbx_description
1 polymer 'Glucosamine-6-phosphate deaminase'
2 non-polymer 'FRUCTOSE -6-PHOSPHATE'
3 non-polymer 6-O-phosphono-beta-D-glucopyranose
4 non-polymer GLYCEROL
5 non-polymer 'ACETIC ACID'
6 water water
#
_entity_poly.entity_id   1
_entity_poly.type   'polypeptide(L)'
_entity_poly.pdbx_seq_one_letter_code
;MRLIPLKAAAQVGKWAAAHIVKRINEFQPTAERPFVLGLPTGGTPLATYKALIEMHKAGEVSFKHVVTFNMDEYVGLAAD
HPESYRSFMYNNFFNHIDIQEENINLLNGNTDDHEAECKRYEDKIKSYGKINLFMGGVGNDGHIAFNEPASSLSSRTRIK
TLTEDTRIANSRFFDGDINQVPKYALTIGVGTLLDAQEIMILVTGHNKALALQAAVEGSVNHLWTVSALQLHPKAVIVCD
EPSTQELKVKTVKYFTELEAKNIVGFR
;
_entity_poly.pdbx_strand_id   A,B,C,D
#
# COMPACT_ATOMS: atom_id res chain seq x y z
N MET A 1 -13.37 -8.52 -71.43
CA MET A 1 -13.26 -7.12 -71.03
C MET A 1 -14.02 -6.21 -71.99
N ARG A 2 -14.31 -4.99 -71.53
CA ARG A 2 -14.82 -3.93 -72.38
C ARG A 2 -13.69 -2.94 -72.67
N LEU A 3 -13.58 -2.53 -73.93
N LEU A 3 -13.60 -2.53 -73.93
CA LEU A 3 -12.71 -1.43 -74.33
CA LEU A 3 -12.73 -1.44 -74.36
C LEU A 3 -13.59 -0.36 -74.95
C LEU A 3 -13.64 -0.36 -74.93
N ILE A 4 -13.55 0.84 -74.37
CA ILE A 4 -14.38 1.97 -74.79
C ILE A 4 -13.50 2.90 -75.61
N PRO A 5 -13.58 2.87 -76.94
CA PRO A 5 -12.70 3.72 -77.75
C PRO A 5 -13.33 5.07 -78.04
N LEU A 6 -12.88 6.10 -77.33
CA LEU A 6 -13.37 7.45 -77.49
C LEU A 6 -12.31 8.28 -78.22
N LYS A 7 -12.73 9.47 -78.68
CA LYS A 7 -11.80 10.27 -79.49
C LYS A 7 -10.77 10.99 -78.62
N ALA A 8 -11.21 11.68 -77.58
CA ALA A 8 -10.36 12.61 -76.86
C ALA A 8 -10.40 12.35 -75.35
N ALA A 9 -9.34 12.81 -74.68
CA ALA A 9 -9.22 12.61 -73.24
C ALA A 9 -10.40 13.22 -72.48
N ALA A 10 -10.95 14.34 -72.96
CA ALA A 10 -12.09 14.95 -72.28
C ALA A 10 -13.28 13.99 -72.24
N GLN A 11 -13.49 13.23 -73.33
CA GLN A 11 -14.58 12.27 -73.36
C GLN A 11 -14.31 11.09 -72.45
N VAL A 12 -13.05 10.63 -72.37
CA VAL A 12 -12.70 9.56 -71.44
C VAL A 12 -13.08 9.97 -70.03
N GLY A 13 -12.79 11.21 -69.65
CA GLY A 13 -13.12 11.67 -68.31
C GLY A 13 -14.62 11.71 -68.07
N LYS A 14 -15.38 12.19 -69.07
CA LYS A 14 -16.84 12.24 -68.92
C LYS A 14 -17.43 10.84 -68.82
N TRP A 15 -16.92 9.90 -69.63
CA TRP A 15 -17.43 8.53 -69.58
C TRP A 15 -17.12 7.89 -68.23
N ALA A 16 -15.88 8.03 -67.77
CA ALA A 16 -15.49 7.43 -66.50
C ALA A 16 -16.31 8.01 -65.35
N ALA A 17 -16.50 9.33 -65.34
CA ALA A 17 -17.30 9.95 -64.29
C ALA A 17 -18.73 9.46 -64.32
N ALA A 18 -19.33 9.38 -65.52
CA ALA A 18 -20.69 8.86 -65.64
C ALA A 18 -20.78 7.42 -65.16
N HIS A 19 -19.74 6.62 -65.43
CA HIS A 19 -19.76 5.22 -65.01
C HIS A 19 -19.68 5.10 -63.49
N ILE A 20 -18.85 5.93 -62.86
CA ILE A 20 -18.76 5.93 -61.40
C ILE A 20 -20.09 6.34 -60.78
N VAL A 21 -20.69 7.41 -61.29
CA VAL A 21 -21.98 7.87 -60.74
C VAL A 21 -23.06 6.80 -60.94
N LYS A 22 -23.06 6.14 -62.11
CA LYS A 22 -24.01 5.05 -62.32
C LYS A 22 -23.85 3.96 -61.27
N ARG A 23 -22.61 3.52 -60.99
CA ARG A 23 -22.42 2.45 -60.02
C ARG A 23 -22.83 2.89 -58.62
N ILE A 24 -22.47 4.12 -58.22
CA ILE A 24 -22.83 4.60 -56.88
C ILE A 24 -24.35 4.66 -56.74
N ASN A 25 -25.01 5.30 -57.72
CA ASN A 25 -26.44 5.54 -57.54
C ASN A 25 -27.25 4.25 -57.62
N GLU A 26 -26.83 3.28 -58.42
CA GLU A 26 -27.53 2.01 -58.44
C GLU A 26 -27.27 1.19 -57.18
N PHE A 27 -26.09 1.38 -56.58
CA PHE A 27 -25.75 0.68 -55.34
C PHE A 27 -26.57 1.17 -54.15
N GLN A 28 -26.90 2.48 -54.12
CA GLN A 28 -27.64 3.13 -53.03
C GLN A 28 -26.90 3.02 -51.71
N PRO A 29 -25.72 3.65 -51.58
CA PRO A 29 -24.92 3.45 -50.36
C PRO A 29 -25.55 4.08 -49.13
N THR A 30 -25.26 3.47 -47.98
CA THR A 30 -25.71 3.94 -46.67
C THR A 30 -24.53 3.87 -45.70
N ALA A 31 -24.74 4.37 -44.49
CA ALA A 31 -23.70 4.27 -43.47
C ALA A 31 -23.38 2.80 -43.18
N GLU A 32 -24.40 1.94 -43.18
N GLU A 32 -24.40 1.94 -43.12
CA GLU A 32 -24.24 0.53 -42.88
CA GLU A 32 -24.12 0.53 -42.87
C GLU A 32 -23.79 -0.28 -44.09
C GLU A 32 -23.54 -0.15 -44.09
N ARG A 33 -23.94 0.27 -45.29
CA ARG A 33 -23.55 -0.42 -46.53
C ARG A 33 -22.95 0.62 -47.48
N PRO A 34 -21.70 1.02 -47.25
CA PRO A 34 -21.10 2.04 -48.10
C PRO A 34 -20.69 1.48 -49.46
N PHE A 35 -20.61 2.38 -50.44
CA PHE A 35 -20.01 2.05 -51.73
C PHE A 35 -18.51 2.24 -51.61
N VAL A 36 -17.73 1.24 -52.01
CA VAL A 36 -16.28 1.27 -51.82
C VAL A 36 -15.62 1.48 -53.17
N LEU A 37 -14.91 2.60 -53.30
CA LEU A 37 -14.37 3.08 -54.57
C LEU A 37 -12.86 3.18 -54.47
N GLY A 38 -12.16 2.46 -55.34
CA GLY A 38 -10.70 2.57 -55.41
C GLY A 38 -10.29 3.62 -56.42
N LEU A 39 -9.24 4.39 -56.09
CA LEU A 39 -8.91 5.59 -56.85
C LEU A 39 -7.42 5.69 -57.16
N PRO A 40 -7.07 6.29 -58.32
CA PRO A 40 -5.66 6.55 -58.65
C PRO A 40 -5.29 8.02 -58.57
N THR A 41 -3.99 8.32 -58.51
CA THR A 41 -3.55 9.68 -58.80
C THR A 41 -2.97 9.72 -60.21
N GLY A 42 -2.05 10.66 -60.45
CA GLY A 42 -1.51 10.85 -61.78
C GLY A 42 -2.31 11.86 -62.58
N GLY A 43 -1.84 12.12 -63.81
CA GLY A 43 -2.51 13.08 -64.66
C GLY A 43 -3.78 12.56 -65.32
N THR A 44 -3.85 11.26 -65.59
CA THR A 44 -4.99 10.75 -66.35
C THR A 44 -6.34 11.00 -65.68
N PRO A 45 -6.53 10.81 -64.37
CA PRO A 45 -7.88 10.92 -63.81
C PRO A 45 -8.35 12.33 -63.51
N LEU A 46 -7.55 13.36 -63.81
CA LEU A 46 -7.93 14.72 -63.40
C LEU A 46 -9.26 15.14 -64.01
N ALA A 47 -9.47 14.85 -65.31
CA ALA A 47 -10.72 15.24 -65.95
C ALA A 47 -11.90 14.52 -65.31
N THR A 48 -11.72 13.24 -64.95
CA THR A 48 -12.77 12.50 -64.27
C THR A 48 -13.09 13.13 -62.91
N TYR A 49 -12.07 13.48 -62.13
CA TYR A 49 -12.32 14.12 -60.84
C TYR A 49 -13.07 15.44 -61.01
N LYS A 50 -12.65 16.26 -61.99
CA LYS A 50 -13.35 17.53 -62.21
C LYS A 50 -14.80 17.29 -62.60
N ALA A 51 -15.06 16.28 -63.42
CA ALA A 51 -16.43 15.96 -63.83
C ALA A 51 -17.26 15.48 -62.63
N LEU A 52 -16.68 14.61 -61.78
CA LEU A 52 -17.39 14.15 -60.60
C LEU A 52 -17.71 15.31 -59.67
N ILE A 53 -16.79 16.26 -59.53
CA ILE A 53 -17.05 17.42 -58.67
C ILE A 53 -18.24 18.21 -59.20
N GLU A 54 -18.29 18.44 -60.52
CA GLU A 54 -19.41 19.20 -61.09
C GLU A 54 -20.72 18.43 -60.96
N MET A 55 -20.69 17.11 -61.14
CA MET A 55 -21.91 16.32 -60.97
C MET A 55 -22.41 16.36 -59.54
N HIS A 56 -21.49 16.37 -58.57
CA HIS A 56 -21.90 16.50 -57.18
C HIS A 56 -22.51 17.87 -56.93
N LYS A 57 -21.86 18.94 -57.43
CA LYS A 57 -22.42 20.28 -57.26
C LYS A 57 -23.82 20.38 -57.86
N ALA A 58 -24.06 19.67 -58.96
CA ALA A 58 -25.37 19.66 -59.59
C ALA A 58 -26.36 18.72 -58.90
N GLY A 59 -25.97 18.08 -57.81
CA GLY A 59 -26.86 17.19 -57.09
C GLY A 59 -27.08 15.85 -57.74
N GLU A 60 -26.19 15.42 -58.64
CA GLU A 60 -26.37 14.14 -59.32
C GLU A 60 -25.74 12.97 -58.58
N VAL A 61 -24.88 13.24 -57.60
CA VAL A 61 -24.22 12.17 -56.86
C VAL A 61 -23.77 12.75 -55.51
N SER A 62 -23.83 11.92 -54.48
CA SER A 62 -23.30 12.26 -53.16
C SER A 62 -22.24 11.23 -52.77
N PHE A 63 -21.17 11.71 -52.16
CA PHE A 63 -20.12 10.84 -51.67
C PHE A 63 -20.20 10.64 -50.16
N LYS A 64 -21.32 11.00 -49.54
CA LYS A 64 -21.44 10.94 -48.08
C LYS A 64 -21.19 9.52 -47.57
N HIS A 65 -21.62 8.51 -48.30
CA HIS A 65 -21.43 7.12 -47.89
C HIS A 65 -20.58 6.37 -48.90
N VAL A 66 -19.61 7.06 -49.48
CA VAL A 66 -18.60 6.44 -50.32
C VAL A 66 -17.31 6.33 -49.51
N VAL A 67 -16.76 5.12 -49.46
CA VAL A 67 -15.47 4.84 -48.84
C VAL A 67 -14.45 4.70 -49.96
N THR A 68 -13.30 5.36 -49.81
CA THR A 68 -12.29 5.33 -50.86
C THR A 68 -11.00 4.68 -50.38
N PHE A 69 -10.32 4.02 -51.31
CA PHE A 69 -8.96 3.50 -51.15
C PHE A 69 -8.13 3.96 -52.33
N ASN A 70 -6.95 4.51 -52.06
CA ASN A 70 -6.07 4.86 -53.17
C ASN A 70 -5.11 3.71 -53.48
N MET A 71 -4.58 3.74 -54.70
CA MET A 71 -3.72 2.65 -55.15
C MET A 71 -2.37 2.66 -54.46
N ASP A 72 -1.82 3.83 -54.17
CA ASP A 72 -0.42 3.89 -53.78
C ASP A 72 -0.09 5.22 -53.11
N GLU A 73 1.12 5.29 -52.58
CA GLU A 73 1.70 6.50 -52.04
C GLU A 73 3.21 6.38 -52.14
N TYR A 74 3.88 7.50 -52.37
CA TYR A 74 5.33 7.53 -52.39
C TYR A 74 5.91 7.24 -51.01
N VAL A 75 7.03 6.52 -50.98
CA VAL A 75 7.79 6.30 -49.75
C VAL A 75 8.77 7.45 -49.56
N GLY A 76 8.88 7.96 -48.33
CA GLY A 76 9.91 8.91 -47.99
C GLY A 76 9.61 10.35 -48.32
N LEU A 77 8.63 10.62 -49.18
CA LEU A 77 8.20 11.98 -49.47
C LEU A 77 7.29 12.45 -48.34
N ALA A 78 7.54 13.67 -47.84
CA ALA A 78 6.72 14.23 -46.79
C ALA A 78 5.25 14.23 -47.20
N ALA A 79 4.37 13.88 -46.27
CA ALA A 79 2.95 13.80 -46.57
C ALA A 79 2.38 15.15 -46.97
N ASP A 80 2.90 16.25 -46.41
CA ASP A 80 2.40 17.58 -46.77
C ASP A 80 3.09 18.16 -48.00
N HIS A 81 3.97 17.39 -48.65
CA HIS A 81 4.50 17.81 -49.93
C HIS A 81 3.35 17.93 -50.93
N PRO A 82 3.32 18.98 -51.76
CA PRO A 82 2.19 19.15 -52.69
C PRO A 82 2.05 18.02 -53.69
N GLU A 83 3.09 17.22 -53.93
CA GLU A 83 3.02 16.12 -54.87
C GLU A 83 2.92 14.76 -54.21
N SER A 84 2.79 14.70 -52.89
CA SER A 84 2.38 13.44 -52.28
C SER A 84 1.00 13.07 -52.82
N TYR A 85 0.69 11.77 -52.81
CA TYR A 85 -0.59 11.36 -53.34
C TYR A 85 -1.72 11.73 -52.39
N ARG A 86 -1.42 11.83 -51.09
N ARG A 86 -1.43 11.82 -51.08
CA ARG A 86 -2.37 12.38 -50.13
CA ARG A 86 -2.40 12.37 -50.15
C ARG A 86 -2.75 13.80 -50.49
C ARG A 86 -2.75 13.81 -50.53
N SER A 87 -1.74 14.65 -50.77
CA SER A 87 -2.00 16.04 -51.16
C SER A 87 -2.77 16.12 -52.46
N PHE A 88 -2.40 15.29 -53.43
CA PHE A 88 -3.10 15.25 -54.71
C PHE A 88 -4.58 14.96 -54.49
N MET A 89 -4.89 13.95 -53.68
CA MET A 89 -6.28 13.53 -53.54
C MET A 89 -7.11 14.57 -52.81
N TYR A 90 -6.57 15.18 -51.75
CA TYR A 90 -7.35 16.21 -51.07
C TYR A 90 -7.53 17.44 -51.94
N ASN A 91 -6.46 17.89 -52.60
CA ASN A 91 -6.52 19.15 -53.34
C ASN A 91 -7.36 19.03 -54.61
N ASN A 92 -7.31 17.87 -55.27
CA ASN A 92 -8.00 17.68 -56.53
C ASN A 92 -9.37 17.02 -56.39
N PHE A 93 -9.70 16.47 -55.22
CA PHE A 93 -10.97 15.75 -55.12
C PHE A 93 -11.64 15.89 -53.76
N PHE A 94 -11.00 15.40 -52.69
CA PHE A 94 -11.70 15.28 -51.40
C PHE A 94 -12.18 16.62 -50.88
N ASN A 95 -11.39 17.69 -51.06
CA ASN A 95 -11.80 18.98 -50.53
C ASN A 95 -12.97 19.60 -51.27
N HIS A 96 -13.44 18.98 -52.35
CA HIS A 96 -14.47 19.56 -53.21
C HIS A 96 -15.74 18.73 -53.26
N ILE A 97 -15.85 17.67 -52.46
CA ILE A 97 -17.01 16.80 -52.44
C ILE A 97 -17.38 16.53 -50.98
N ASP A 98 -18.56 15.95 -50.79
CA ASP A 98 -19.11 15.70 -49.45
C ASP A 98 -18.67 14.35 -48.89
N ILE A 99 -17.43 13.94 -49.16
CA ILE A 99 -16.89 12.72 -48.59
C ILE A 99 -16.59 12.96 -47.12
N GLN A 100 -16.66 11.89 -46.32
CA GLN A 100 -16.42 11.95 -44.89
C GLN A 100 -14.99 11.53 -44.60
N GLU A 101 -14.34 12.25 -43.67
CA GLU A 101 -12.92 12.01 -43.41
C GLU A 101 -12.68 10.57 -42.95
N GLU A 102 -13.59 10.02 -42.15
CA GLU A 102 -13.43 8.65 -41.65
C GLU A 102 -13.58 7.61 -42.76
N ASN A 103 -14.07 7.99 -43.93
CA ASN A 103 -14.27 7.08 -45.03
C ASN A 103 -13.15 7.14 -46.06
N ILE A 104 -12.13 7.97 -45.83
CA ILE A 104 -10.97 8.07 -46.71
C ILE A 104 -9.88 7.13 -46.22
N ASN A 105 -9.30 6.37 -47.14
CA ASN A 105 -8.20 5.47 -46.80
C ASN A 105 -7.03 5.71 -47.73
N LEU A 106 -5.85 5.90 -47.14
CA LEU A 106 -4.63 6.22 -47.87
C LEU A 106 -3.49 5.44 -47.24
N LEU A 107 -2.51 5.10 -48.07
CA LEU A 107 -1.27 4.49 -47.57
C LEU A 107 -0.35 5.57 -47.01
N ASN A 108 0.32 5.23 -45.91
CA ASN A 108 1.30 6.10 -45.27
C ASN A 108 2.69 5.61 -45.65
N GLY A 109 3.39 6.39 -46.48
CA GLY A 109 4.70 5.98 -46.93
C GLY A 109 5.85 6.31 -46.01
N ASN A 110 5.56 6.82 -44.80
CA ASN A 110 6.61 7.30 -43.92
C ASN A 110 6.58 6.65 -42.54
N THR A 111 6.00 5.45 -42.41
CA THR A 111 6.07 4.75 -41.13
C THR A 111 7.40 4.01 -41.02
N ASP A 112 7.66 3.49 -39.82
CA ASP A 112 8.88 2.71 -39.58
C ASP A 112 8.70 1.23 -39.88
N ASP A 113 7.58 0.83 -40.48
CA ASP A 113 7.33 -0.57 -40.80
C ASP A 113 6.41 -0.61 -42.03
N HIS A 114 7.03 -0.62 -43.21
CA HIS A 114 6.23 -0.61 -44.44
C HIS A 114 5.36 -1.85 -44.54
N GLU A 115 5.89 -3.00 -44.13
CA GLU A 115 5.11 -4.24 -44.23
C GLU A 115 3.86 -4.17 -43.35
N ALA A 116 4.00 -3.63 -42.13
CA ALA A 116 2.84 -3.52 -41.25
C ALA A 116 1.83 -2.51 -41.80
N GLU A 117 2.32 -1.44 -42.42
CA GLU A 117 1.39 -0.46 -43.00
C GLU A 117 0.63 -1.05 -44.17
N CYS A 118 1.32 -1.83 -45.02
CA CYS A 118 0.65 -2.48 -46.14
C CYS A 118 -0.36 -3.51 -45.65
N LYS A 119 -0.02 -4.25 -44.59
CA LYS A 119 -0.96 -5.22 -44.04
C LYS A 119 -2.16 -4.52 -43.41
N ARG A 120 -1.93 -3.41 -42.70
CA ARG A 120 -3.02 -2.62 -42.17
C ARG A 120 -3.98 -2.22 -43.29
N TYR A 121 -3.43 -1.83 -44.43
CA TYR A 121 -4.26 -1.40 -45.55
C TYR A 121 -5.07 -2.55 -46.11
N GLU A 122 -4.43 -3.71 -46.33
CA GLU A 122 -5.16 -4.89 -46.77
C GLU A 122 -6.25 -5.26 -45.77
N ASP A 123 -5.93 -5.19 -44.48
CA ASP A 123 -6.94 -5.55 -43.48
C ASP A 123 -8.11 -4.59 -43.51
N LYS A 124 -7.85 -3.31 -43.80
CA LYS A 124 -8.93 -2.32 -43.87
C LYS A 124 -9.83 -2.58 -45.08
N ILE A 125 -9.23 -2.92 -46.23
CA ILE A 125 -10.06 -3.32 -47.37
C ILE A 125 -10.96 -4.49 -46.98
N LYS A 126 -10.37 -5.52 -46.36
CA LYS A 126 -11.16 -6.68 -46.00
C LYS A 126 -12.24 -6.35 -44.99
N SER A 127 -12.07 -5.29 -44.20
CA SER A 127 -13.12 -4.92 -43.26
C SER A 127 -14.40 -4.46 -43.96
N TYR A 128 -14.32 -4.06 -45.23
CA TYR A 128 -15.48 -3.69 -46.03
C TYR A 128 -15.92 -4.81 -46.96
N GLY A 129 -15.25 -5.95 -46.93
CA GLY A 129 -15.61 -7.05 -47.81
C GLY A 129 -14.88 -6.93 -49.12
N LYS A 130 -15.38 -6.08 -50.01
CA LYS A 130 -14.80 -5.92 -51.33
C LYS A 130 -14.82 -4.45 -51.71
N ILE A 131 -13.89 -4.09 -52.59
CA ILE A 131 -13.98 -2.84 -53.32
C ILE A 131 -14.96 -3.04 -54.47
N ASN A 132 -15.94 -2.13 -54.58
CA ASN A 132 -16.99 -2.31 -55.59
C ASN A 132 -16.53 -1.86 -56.98
N LEU A 133 -15.72 -0.80 -57.04
CA LEU A 133 -15.22 -0.31 -58.32
C LEU A 133 -13.84 0.28 -58.09
N PHE A 134 -12.83 -0.20 -58.82
CA PHE A 134 -11.48 0.33 -58.70
C PHE A 134 -11.11 1.01 -60.01
N MET A 135 -10.93 2.33 -59.95
CA MET A 135 -10.44 3.08 -61.10
C MET A 135 -8.92 3.17 -61.03
N GLY A 136 -8.27 3.05 -62.19
CA GLY A 136 -6.84 3.18 -62.26
C GLY A 136 -6.41 3.84 -63.56
N GLY A 137 -5.10 4.10 -63.66
CA GLY A 137 -4.46 4.40 -64.91
C GLY A 137 -3.55 3.27 -65.35
N VAL A 138 -2.67 3.56 -66.29
CA VAL A 138 -1.67 2.58 -66.71
C VAL A 138 -0.34 3.29 -66.92
N GLY A 139 0.75 2.65 -66.52
CA GLY A 139 2.06 3.22 -66.75
C GLY A 139 2.48 3.09 -68.21
N ASN A 140 3.44 3.93 -68.60
CA ASN A 140 4.06 3.73 -69.92
C ASN A 140 4.53 2.29 -70.07
N ASP A 141 5.02 1.70 -68.98
CA ASP A 141 5.60 0.36 -68.98
C ASP A 141 4.57 -0.71 -68.67
N GLY A 142 3.29 -0.37 -68.68
CA GLY A 142 2.23 -1.33 -68.50
C GLY A 142 1.76 -1.53 -67.08
N HIS A 143 2.34 -0.82 -66.10
CA HIS A 143 1.94 -1.11 -64.73
C HIS A 143 0.51 -0.67 -64.43
N ILE A 144 -0.16 -1.43 -63.57
N ILE A 144 -0.15 -1.42 -63.56
CA ILE A 144 -1.35 -0.95 -62.87
CA ILE A 144 -1.35 -0.95 -62.87
C ILE A 144 -0.97 -0.80 -61.41
C ILE A 144 -0.96 -0.79 -61.41
N ALA A 145 -1.52 0.24 -60.77
CA ALA A 145 -0.97 0.78 -59.52
C ALA A 145 0.54 0.98 -59.75
N PHE A 146 1.41 0.59 -58.82
CA PHE A 146 2.84 0.59 -59.13
C PHE A 146 3.39 -0.83 -59.21
N ASN A 147 2.61 -1.73 -59.80
CA ASN A 147 3.06 -3.09 -60.04
C ASN A 147 3.91 -3.08 -61.31
N GLU A 148 5.18 -2.70 -61.09
CA GLU A 148 6.15 -2.52 -62.16
C GLU A 148 6.45 -3.86 -62.86
N PRO A 149 7.07 -3.81 -64.04
CA PRO A 149 7.41 -5.06 -64.75
C PRO A 149 8.08 -6.07 -63.84
N ALA A 150 7.67 -7.34 -64.03
CA ALA A 150 8.10 -8.51 -63.26
C ALA A 150 7.50 -8.53 -61.87
N SER A 151 6.33 -7.91 -61.70
CA SER A 151 5.54 -8.05 -60.47
C SER A 151 4.76 -9.35 -60.50
N SER A 152 4.58 -9.95 -59.32
CA SER A 152 3.71 -11.12 -59.22
C SER A 152 2.29 -10.75 -59.65
N LEU A 153 1.67 -11.62 -60.46
CA LEU A 153 0.28 -11.39 -60.87
C LEU A 153 -0.72 -11.77 -59.78
N SER A 154 -0.27 -12.26 -58.63
CA SER A 154 -1.13 -12.43 -57.47
C SER A 154 -0.59 -11.66 -56.26
N SER A 155 0.18 -10.61 -56.51
CA SER A 155 0.76 -9.82 -55.44
C SER A 155 -0.30 -9.12 -54.60
N ARG A 156 0.04 -8.87 -53.35
CA ARG A 156 -0.73 -8.06 -52.42
C ARG A 156 -0.03 -6.71 -52.24
N THR A 157 -0.51 -5.91 -51.30
CA THR A 157 0.05 -4.58 -51.08
C THR A 157 1.46 -4.67 -50.50
N ARG A 158 2.41 -3.93 -51.10
CA ARG A 158 3.80 -4.00 -50.65
C ARG A 158 4.56 -2.80 -51.16
N ILE A 159 5.79 -2.64 -50.66
CA ILE A 159 6.70 -1.64 -51.22
C ILE A 159 7.23 -2.14 -52.57
N LYS A 160 7.33 -1.22 -53.53
CA LYS A 160 7.90 -1.54 -54.84
C LYS A 160 8.89 -0.47 -55.25
N THR A 161 9.85 -0.88 -56.09
CA THR A 161 10.85 0.03 -56.65
C THR A 161 10.34 0.55 -58.00
N LEU A 162 10.25 1.87 -58.15
CA LEU A 162 9.79 2.45 -59.40
C LEU A 162 10.85 2.33 -60.48
N THR A 163 10.42 2.05 -61.71
CA THR A 163 11.37 2.00 -62.81
C THR A 163 11.85 3.40 -63.16
N GLU A 164 13.00 3.45 -63.84
CA GLU A 164 13.47 4.75 -64.34
C GLU A 164 12.43 5.36 -65.28
N ASP A 165 11.78 4.53 -66.09
CA ASP A 165 10.76 5.02 -67.01
C ASP A 165 9.62 5.70 -66.24
N THR A 166 9.15 5.06 -65.18
CA THR A 166 8.11 5.67 -64.35
C THR A 166 8.59 6.97 -63.71
N ARG A 167 9.82 7.00 -63.21
CA ARG A 167 10.30 8.19 -62.54
C ARG A 167 10.51 9.34 -63.53
N ILE A 168 10.95 9.03 -64.75
CA ILE A 168 11.07 10.06 -65.77
C ILE A 168 9.69 10.64 -66.10
N ALA A 169 8.70 9.77 -66.31
CA ALA A 169 7.34 10.24 -66.56
C ALA A 169 6.85 11.12 -65.41
N ASN A 170 7.01 10.65 -64.17
CA ASN A 170 6.45 11.39 -63.05
C ASN A 170 7.26 12.63 -62.70
N SER A 171 8.48 12.77 -63.23
CA SER A 171 9.28 13.96 -62.97
C SER A 171 8.61 15.23 -63.50
N ARG A 172 7.64 15.10 -64.41
CA ARG A 172 6.94 16.29 -64.89
C ARG A 172 6.18 16.99 -63.77
N PHE A 173 5.90 16.29 -62.67
CA PHE A 173 5.26 16.88 -61.51
C PHE A 173 6.27 17.43 -60.51
N PHE A 174 7.56 17.26 -60.78
CA PHE A 174 8.63 17.75 -59.91
C PHE A 174 9.54 18.67 -60.70
N ASP A 175 8.95 19.59 -61.49
CA ASP A 175 9.70 20.56 -62.28
C ASP A 175 10.68 19.88 -63.23
N GLY A 176 10.33 18.68 -63.70
CA GLY A 176 11.17 17.95 -64.62
C GLY A 176 12.45 17.38 -64.03
N ASP A 177 12.57 17.36 -62.71
CA ASP A 177 13.81 16.97 -62.03
C ASP A 177 13.63 15.56 -61.49
N ILE A 178 14.21 14.57 -62.19
CA ILE A 178 14.07 13.19 -61.78
C ILE A 178 14.67 12.94 -60.40
N ASN A 179 15.63 13.76 -59.97
CA ASN A 179 16.22 13.58 -58.65
C ASN A 179 15.25 13.91 -57.51
N GLN A 180 14.15 14.59 -57.79
CA GLN A 180 13.13 14.83 -56.79
C GLN A 180 12.09 13.73 -56.71
N VAL A 181 12.06 12.83 -57.68
CA VAL A 181 11.03 11.78 -57.69
C VAL A 181 11.44 10.67 -56.74
N PRO A 182 10.57 10.25 -55.81
CA PRO A 182 10.92 9.14 -54.92
C PRO A 182 11.27 7.89 -55.71
N LYS A 183 12.08 7.03 -55.10
CA LYS A 183 12.49 5.78 -55.73
C LYS A 183 11.58 4.61 -55.40
N TYR A 184 10.84 4.68 -54.30
CA TYR A 184 9.98 3.59 -53.86
C TYR A 184 8.57 4.08 -53.60
N ALA A 185 7.62 3.16 -53.65
CA ALA A 185 6.23 3.45 -53.33
C ALA A 185 5.61 2.25 -52.64
N LEU A 186 4.62 2.51 -51.79
CA LEU A 186 3.73 1.46 -51.31
C LEU A 186 2.60 1.37 -52.30
N THR A 187 2.25 0.15 -52.72
CA THR A 187 1.24 0.00 -53.75
C THR A 187 0.41 -1.25 -53.49
N ILE A 188 -0.90 -1.16 -53.77
CA ILE A 188 -1.72 -2.37 -53.79
C ILE A 188 -1.15 -3.31 -54.85
N GLY A 189 -1.41 -4.60 -54.67
CA GLY A 189 -0.89 -5.59 -55.59
C GLY A 189 -1.82 -5.85 -56.76
N VAL A 190 -1.33 -6.65 -57.70
CA VAL A 190 -2.17 -7.13 -58.80
C VAL A 190 -3.31 -7.98 -58.25
N GLY A 191 -3.01 -8.84 -57.27
CA GLY A 191 -4.06 -9.60 -56.61
C GLY A 191 -5.06 -8.71 -55.88
N THR A 192 -4.56 -7.70 -55.17
CA THR A 192 -5.46 -6.74 -54.51
C THR A 192 -6.43 -6.12 -55.51
N LEU A 193 -5.91 -5.69 -56.66
CA LEU A 193 -6.75 -5.06 -57.67
C LEU A 193 -7.77 -6.04 -58.23
N LEU A 194 -7.32 -7.26 -58.56
CA LEU A 194 -8.22 -8.27 -59.11
C LEU A 194 -9.32 -8.67 -58.14
N ASP A 195 -9.14 -8.41 -56.84
CA ASP A 195 -10.20 -8.72 -55.88
C ASP A 195 -11.37 -7.75 -55.96
N ALA A 196 -11.21 -6.60 -56.61
CA ALA A 196 -12.30 -5.66 -56.76
C ALA A 196 -13.41 -6.27 -57.62
N GLN A 197 -14.64 -5.79 -57.42
CA GLN A 197 -15.74 -6.32 -58.22
C GLN A 197 -15.66 -5.86 -59.67
N GLU A 198 -15.12 -4.68 -59.91
CA GLU A 198 -15.05 -4.09 -61.23
C GLU A 198 -13.81 -3.22 -61.27
N ILE A 199 -13.09 -3.26 -62.40
CA ILE A 199 -11.89 -2.46 -62.59
C ILE A 199 -12.10 -1.60 -63.83
N MET A 200 -11.79 -0.31 -63.71
CA MET A 200 -11.89 0.62 -64.83
C MET A 200 -10.56 1.34 -64.98
N ILE A 201 -9.85 1.08 -66.08
CA ILE A 201 -8.55 1.67 -66.34
C ILE A 201 -8.70 2.71 -67.42
N LEU A 202 -8.23 3.94 -67.15
CA LEU A 202 -8.25 5.03 -68.10
C LEU A 202 -6.91 5.12 -68.81
N VAL A 203 -6.94 5.29 -70.14
CA VAL A 203 -5.72 5.26 -70.95
C VAL A 203 -5.80 6.38 -71.97
N THR A 204 -4.94 7.39 -71.85
CA THR A 204 -4.95 8.51 -72.78
C THR A 204 -3.54 8.87 -73.20
N GLY A 205 -3.37 9.14 -74.49
CA GLY A 205 -2.11 9.66 -74.98
C GLY A 205 -1.25 8.62 -75.68
N HIS A 206 -0.46 9.07 -76.65
N HIS A 206 -0.43 9.11 -76.62
CA HIS A 206 0.36 8.13 -77.40
CA HIS A 206 0.48 8.27 -77.39
C HIS A 206 1.45 7.49 -76.56
C HIS A 206 1.40 7.45 -76.50
N ASN A 207 1.79 8.09 -75.41
N ASN A 207 1.89 8.04 -75.41
CA ASN A 207 2.79 7.49 -74.53
CA ASN A 207 2.90 7.36 -74.61
C ASN A 207 2.35 6.14 -73.98
C ASN A 207 2.34 6.15 -73.85
N LYS A 208 1.04 5.89 -73.93
CA LYS A 208 0.46 4.68 -73.39
C LYS A 208 0.13 3.64 -74.47
N ALA A 209 0.50 3.90 -75.72
CA ALA A 209 0.05 3.03 -76.81
C ALA A 209 0.64 1.63 -76.70
N LEU A 210 1.92 1.50 -76.34
CA LEU A 210 2.47 0.16 -76.15
C LEU A 210 1.81 -0.56 -74.98
N ALA A 211 1.48 0.16 -73.92
CA ALA A 211 0.79 -0.46 -72.79
C ALA A 211 -0.61 -0.94 -73.18
N LEU A 212 -1.32 -0.15 -73.98
CA LEU A 212 -2.66 -0.57 -74.42
C LEU A 212 -2.59 -1.79 -75.33
N GLN A 213 -1.58 -1.82 -76.23
CA GLN A 213 -1.37 -3.01 -77.05
C GLN A 213 -1.11 -4.24 -76.19
N ALA A 214 -0.30 -4.10 -75.15
CA ALA A 214 -0.05 -5.24 -74.28
C ALA A 214 -1.31 -5.66 -73.55
N ALA A 215 -2.14 -4.69 -73.13
CA ALA A 215 -3.36 -5.01 -72.39
C ALA A 215 -4.37 -5.74 -73.26
N VAL A 216 -4.49 -5.35 -74.53
CA VAL A 216 -5.60 -5.78 -75.38
C VAL A 216 -5.18 -6.90 -76.33
N GLU A 217 -4.00 -6.80 -76.94
CA GLU A 217 -3.58 -7.77 -77.94
C GLU A 217 -2.52 -8.74 -77.42
N GLY A 218 -1.81 -8.39 -76.34
CA GLY A 218 -0.81 -9.27 -75.79
C GLY A 218 -1.39 -10.37 -74.92
N SER A 219 -0.52 -11.28 -74.49
CA SER A 219 -0.93 -12.36 -73.60
C SER A 219 -0.67 -11.99 -72.15
N VAL A 220 -1.15 -12.85 -71.25
CA VAL A 220 -0.99 -12.59 -69.82
C VAL A 220 0.48 -12.77 -69.45
N ASN A 221 1.07 -11.72 -68.86
N ASN A 221 1.07 -11.73 -68.84
CA ASN A 221 2.47 -11.79 -68.50
CA ASN A 221 2.51 -11.71 -68.59
C ASN A 221 2.74 -10.77 -67.39
C ASN A 221 2.86 -10.68 -67.53
N HIS A 222 3.82 -11.02 -66.66
CA HIS A 222 4.16 -10.16 -65.54
C HIS A 222 4.99 -8.93 -65.93
N LEU A 223 5.38 -8.78 -67.19
CA LEU A 223 6.08 -7.54 -67.55
C LEU A 223 5.13 -6.38 -67.77
N TRP A 224 3.92 -6.66 -68.25
CA TRP A 224 2.89 -5.64 -68.48
C TRP A 224 1.72 -6.02 -67.58
N THR A 225 1.72 -5.55 -66.33
CA THR A 225 0.77 -6.11 -65.38
C THR A 225 -0.67 -5.73 -65.72
N VAL A 226 -0.88 -4.70 -66.55
CA VAL A 226 -2.22 -4.42 -67.06
C VAL A 226 -2.79 -5.63 -67.80
N SER A 227 -1.95 -6.54 -68.30
CA SER A 227 -2.46 -7.73 -68.97
C SER A 227 -3.25 -8.63 -68.03
N ALA A 228 -3.08 -8.45 -66.71
CA ALA A 228 -3.83 -9.27 -65.77
C ALA A 228 -5.33 -8.98 -65.83
N LEU A 229 -5.74 -7.85 -66.42
CA LEU A 229 -7.17 -7.56 -66.55
C LEU A 229 -7.87 -8.64 -67.34
N GLN A 230 -7.15 -9.35 -68.21
CA GLN A 230 -7.75 -10.42 -68.99
C GLN A 230 -8.30 -11.54 -68.11
N LEU A 231 -7.81 -11.65 -66.87
CA LEU A 231 -8.26 -12.67 -65.93
C LEU A 231 -9.49 -12.25 -65.13
N HIS A 232 -9.86 -10.99 -65.20
CA HIS A 232 -10.86 -10.43 -64.30
C HIS A 232 -12.26 -10.52 -64.92
N PRO A 233 -13.30 -10.80 -64.13
CA PRO A 233 -14.64 -10.95 -64.71
C PRO A 233 -15.29 -9.65 -65.17
N LYS A 234 -14.79 -8.49 -64.74
CA LYS A 234 -15.50 -7.25 -65.05
C LYS A 234 -14.49 -6.10 -65.14
N ALA A 235 -13.73 -6.09 -66.24
CA ALA A 235 -12.72 -5.08 -66.50
C ALA A 235 -13.14 -4.19 -67.66
N VAL A 236 -12.89 -2.90 -67.53
CA VAL A 236 -13.22 -1.89 -68.53
C VAL A 236 -11.98 -1.05 -68.76
N ILE A 237 -11.60 -0.86 -70.02
CA ILE A 237 -10.56 0.08 -70.39
C ILE A 237 -11.22 1.19 -71.18
N VAL A 238 -10.97 2.44 -70.79
CA VAL A 238 -11.52 3.61 -71.46
C VAL A 238 -10.35 4.38 -72.04
N CYS A 239 -10.33 4.56 -73.37
CA CYS A 239 -9.13 5.08 -74.03
C CYS A 239 -9.48 6.14 -75.06
N ASP A 240 -8.49 6.96 -75.41
CA ASP A 240 -8.65 7.97 -76.44
C ASP A 240 -7.90 7.54 -77.71
N GLU A 241 -8.11 8.27 -78.79
CA GLU A 241 -7.54 7.86 -80.07
C GLU A 241 -6.01 7.83 -80.04
N PRO A 242 -5.30 8.80 -79.45
CA PRO A 242 -3.83 8.68 -79.44
C PRO A 242 -3.32 7.42 -78.76
N SER A 243 -4.04 6.87 -77.78
CA SER A 243 -3.55 5.68 -77.12
C SER A 243 -3.68 4.40 -77.97
N THR A 244 -4.40 4.46 -79.09
CA THR A 244 -4.65 3.27 -79.89
C THR A 244 -3.61 3.03 -80.98
N GLN A 245 -2.56 3.87 -81.05
CA GLN A 245 -1.70 3.88 -82.23
C GLN A 245 -1.03 2.54 -82.50
N GLU A 246 -0.77 1.74 -81.47
CA GLU A 246 -0.08 0.47 -81.68
C GLU A 246 -1.02 -0.71 -81.87
N LEU A 247 -2.34 -0.50 -81.75
CA LEU A 247 -3.31 -1.55 -82.02
C LEU A 247 -3.48 -1.76 -83.53
N LYS A 248 -3.93 -2.96 -83.89
CA LYS A 248 -4.33 -3.19 -85.28
C LYS A 248 -5.63 -2.45 -85.59
N VAL A 249 -5.76 -2.05 -86.86
CA VAL A 249 -6.99 -1.43 -87.35
C VAL A 249 -8.20 -2.29 -87.00
N LYS A 250 -8.10 -3.61 -87.19
CA LYS A 250 -9.26 -4.46 -86.93
C LYS A 250 -9.62 -4.48 -85.45
N THR A 251 -8.64 -4.28 -84.57
CA THR A 251 -8.93 -4.26 -83.14
C THR A 251 -9.75 -3.04 -82.75
N VAL A 252 -9.34 -1.86 -83.24
CA VAL A 252 -10.10 -0.65 -82.97
C VAL A 252 -11.51 -0.78 -83.56
N LYS A 253 -11.61 -1.30 -84.79
CA LYS A 253 -12.92 -1.43 -85.42
C LYS A 253 -13.84 -2.35 -84.63
N TYR A 254 -13.29 -3.48 -84.15
CA TYR A 254 -14.05 -4.41 -83.34
C TYR A 254 -14.71 -3.73 -82.14
N PHE A 255 -13.91 -3.03 -81.34
CA PHE A 255 -14.46 -2.43 -80.12
C PHE A 255 -15.32 -1.22 -80.43
N THR A 256 -14.99 -0.49 -81.49
CA THR A 256 -15.83 0.65 -81.86
C THR A 256 -17.23 0.18 -82.27
N GLU A 257 -17.31 -0.93 -83.00
CA GLU A 257 -18.61 -1.45 -83.39
C GLU A 257 -19.36 -2.04 -82.19
N LEU A 258 -18.63 -2.72 -81.30
N LEU A 258 -18.63 -2.71 -81.29
CA LEU A 258 -19.27 -3.30 -80.11
CA LEU A 258 -19.29 -3.30 -80.12
C LEU A 258 -19.90 -2.23 -79.24
C LEU A 258 -19.91 -2.23 -79.24
N GLU A 259 -19.20 -1.10 -79.06
CA GLU A 259 -19.62 -0.06 -78.13
C GLU A 259 -20.34 1.10 -78.79
N ALA A 260 -20.69 0.97 -80.08
CA ALA A 260 -21.21 2.10 -80.85
C ALA A 260 -22.37 2.80 -80.12
N LYS A 261 -23.33 2.02 -79.64
CA LYS A 261 -24.48 2.63 -78.98
C LYS A 261 -24.13 3.22 -77.62
N ASN A 262 -23.00 2.82 -77.03
CA ASN A 262 -22.59 3.31 -75.72
C ASN A 262 -21.63 4.49 -75.79
N ILE A 263 -21.14 4.85 -76.98
CA ILE A 263 -20.22 5.96 -77.12
C ILE A 263 -20.80 7.11 -77.95
N VAL A 264 -21.93 6.90 -78.62
CA VAL A 264 -22.45 7.90 -79.55
C VAL A 264 -22.83 9.19 -78.84
N GLY A 265 -23.03 9.15 -77.53
CA GLY A 265 -23.31 10.35 -76.77
C GLY A 265 -22.11 11.06 -76.18
N PHE A 266 -20.90 10.58 -76.46
CA PHE A 266 -19.70 11.17 -75.86
C PHE A 266 -18.75 11.73 -76.90
N MET B 1 -13.95 -31.34 -22.06
CA MET B 1 -13.28 -30.27 -21.31
C MET B 1 -12.42 -30.85 -20.19
N ARG B 2 -11.48 -30.05 -19.71
CA ARG B 2 -10.74 -30.33 -18.50
C ARG B 2 -11.29 -29.49 -17.37
N LEU B 3 -11.47 -30.12 -16.21
N LEU B 3 -11.49 -30.12 -16.21
CA LEU B 3 -11.77 -29.43 -14.95
CA LEU B 3 -11.78 -29.40 -14.96
C LEU B 3 -10.61 -29.71 -14.01
C LEU B 3 -10.64 -29.71 -13.99
N ILE B 4 -9.98 -28.65 -13.51
CA ILE B 4 -8.83 -28.76 -12.62
C ILE B 4 -9.31 -28.45 -11.20
N PRO B 5 -9.56 -29.44 -10.35
CA PRO B 5 -10.07 -29.13 -9.01
C PRO B 5 -8.94 -28.95 -8.02
N LEU B 6 -8.68 -27.69 -7.67
CA LEU B 6 -7.65 -27.32 -6.71
C LEU B 6 -8.30 -26.92 -5.39
N LYS B 7 -7.50 -26.84 -4.34
CA LYS B 7 -8.07 -26.54 -3.03
C LYS B 7 -8.40 -25.06 -2.88
N ALA B 8 -7.45 -24.18 -3.19
CA ALA B 8 -7.53 -22.79 -2.81
C ALA B 8 -7.31 -21.88 -4.01
N ALA B 9 -7.82 -20.65 -3.89
CA ALA B 9 -7.69 -19.68 -4.98
C ALA B 9 -6.24 -19.39 -5.31
N ALA B 10 -5.33 -19.38 -4.32
CA ALA B 10 -3.93 -19.17 -4.60
C ALA B 10 -3.38 -20.20 -5.59
N GLN B 11 -3.82 -21.46 -5.44
CA GLN B 11 -3.36 -22.52 -6.34
C GLN B 11 -3.96 -22.36 -7.73
N VAL B 12 -5.23 -21.93 -7.82
CA VAL B 12 -5.82 -21.65 -9.13
C VAL B 12 -4.99 -20.63 -9.88
N GLY B 13 -4.55 -19.57 -9.19
CA GLY B 13 -3.75 -18.55 -9.86
C GLY B 13 -2.39 -19.08 -10.30
N LYS B 14 -1.74 -19.88 -9.46
CA LYS B 14 -0.46 -20.45 -9.85
C LYS B 14 -0.61 -21.40 -11.04
N TRP B 15 -1.68 -22.22 -11.03
CA TRP B 15 -1.91 -23.14 -12.13
C TRP B 15 -2.17 -22.38 -13.43
N ALA B 16 -3.06 -21.39 -13.38
CA ALA B 16 -3.38 -20.60 -14.56
C ALA B 16 -2.15 -19.89 -15.10
N ALA B 17 -1.36 -19.28 -14.21
CA ALA B 17 -0.15 -18.60 -14.67
C ALA B 17 0.82 -19.58 -15.32
N ALA B 18 1.01 -20.76 -14.71
CA ALA B 18 1.88 -21.77 -15.29
C ALA B 18 1.38 -22.21 -16.66
N HIS B 19 0.05 -22.33 -16.81
CA HIS B 19 -0.51 -22.76 -18.08
C HIS B 19 -0.28 -21.72 -19.18
N ILE B 20 -0.44 -20.44 -18.83
CA ILE B 20 -0.21 -19.36 -19.78
C ILE B 20 1.26 -19.35 -20.21
N VAL B 21 2.17 -19.45 -19.26
CA VAL B 21 3.60 -19.44 -19.59
C VAL B 21 3.95 -20.65 -20.46
N LYS B 22 3.39 -21.82 -20.15
CA LYS B 22 3.61 -23.00 -20.97
C LYS B 22 3.20 -22.74 -22.43
N ARG B 23 2.01 -22.18 -22.63
CA ARG B 23 1.55 -21.95 -24.00
C ARG B 23 2.42 -20.92 -24.72
N ILE B 24 2.77 -19.82 -24.04
CA ILE B 24 3.62 -18.80 -24.67
C ILE B 24 4.97 -19.40 -25.05
N ASN B 25 5.61 -20.09 -24.12
CA ASN B 25 6.98 -20.53 -24.37
C ASN B 25 7.04 -21.64 -25.41
N GLU B 26 6.03 -22.52 -25.45
CA GLU B 26 6.01 -23.53 -26.50
C GLU B 26 5.68 -22.92 -27.85
N PHE B 27 4.90 -21.83 -27.87
CA PHE B 27 4.56 -21.16 -29.12
C PHE B 27 5.76 -20.46 -29.75
N GLN B 28 6.67 -19.93 -28.93
CA GLN B 28 7.85 -19.17 -29.36
C GLN B 28 7.48 -17.93 -30.15
N PRO B 29 6.81 -16.95 -29.54
CA PRO B 29 6.30 -15.81 -30.31
C PRO B 29 7.41 -14.92 -30.84
N THR B 30 7.13 -14.28 -31.96
CA THR B 30 8.02 -13.32 -32.61
C THR B 30 7.22 -12.10 -33.05
N ALA B 31 7.93 -11.08 -33.55
CA ALA B 31 7.25 -9.92 -34.11
C ALA B 31 6.30 -10.32 -35.24
N GLU B 32 6.75 -11.24 -36.11
N GLU B 32 6.75 -11.22 -36.13
CA GLU B 32 5.94 -11.67 -37.25
CA GLU B 32 5.89 -11.63 -37.23
C GLU B 32 4.89 -12.71 -36.89
C GLU B 32 4.78 -12.58 -36.77
N ARG B 33 5.06 -13.40 -35.76
CA ARG B 33 4.13 -14.45 -35.33
C ARG B 33 3.92 -14.32 -33.83
N PRO B 34 3.12 -13.35 -33.40
CA PRO B 34 2.92 -13.14 -31.96
C PRO B 34 1.97 -14.17 -31.37
N PHE B 35 2.11 -14.36 -30.05
CA PHE B 35 1.14 -15.14 -29.29
C PHE B 35 0.00 -14.21 -28.90
N VAL B 36 -1.23 -14.63 -29.16
CA VAL B 36 -2.40 -13.78 -28.95
C VAL B 36 -3.15 -14.31 -27.74
N LEU B 37 -3.23 -13.49 -26.70
CA LEU B 37 -3.73 -13.88 -25.38
C LEU B 37 -4.96 -13.04 -25.04
N GLY B 38 -6.10 -13.68 -24.80
CA GLY B 38 -7.29 -12.98 -24.35
C GLY B 38 -7.36 -12.96 -22.83
N LEU B 39 -7.80 -11.83 -22.27
CA LEU B 39 -7.69 -11.59 -20.84
C LEU B 39 -8.95 -11.04 -20.23
N PRO B 40 -9.24 -11.37 -18.94
CA PRO B 40 -10.38 -10.79 -18.24
C PRO B 40 -9.98 -9.78 -17.18
N THR B 41 -10.92 -8.98 -16.70
CA THR B 41 -10.70 -8.25 -15.46
C THR B 41 -11.47 -8.95 -14.35
N GLY B 42 -11.88 -8.19 -13.32
CA GLY B 42 -12.54 -8.77 -12.18
C GLY B 42 -11.54 -9.20 -11.10
N GLY B 43 -12.10 -9.70 -9.99
CA GLY B 43 -11.27 -10.13 -8.89
C GLY B 43 -10.58 -11.47 -9.10
N THR B 44 -11.20 -12.36 -9.87
CA THR B 44 -10.65 -13.72 -9.98
C THR B 44 -9.24 -13.78 -10.56
N PRO B 45 -8.89 -13.04 -11.62
CA PRO B 45 -7.56 -13.24 -12.22
C PRO B 45 -6.42 -12.53 -11.52
N LEU B 46 -6.67 -11.81 -10.42
CA LEU B 46 -5.62 -11.01 -9.81
C LEU B 46 -4.42 -11.86 -9.40
N ALA B 47 -4.68 -13.02 -8.79
CA ALA B 47 -3.57 -13.88 -8.36
C ALA B 47 -2.76 -14.37 -9.56
N THR B 48 -3.44 -14.71 -10.65
CA THR B 48 -2.76 -15.10 -11.88
C THR B 48 -1.88 -13.97 -12.39
N TYR B 49 -2.39 -12.75 -12.43
CA TYR B 49 -1.58 -11.62 -12.91
C TYR B 49 -0.36 -11.43 -12.01
N LYS B 50 -0.53 -11.51 -10.70
CA LYS B 50 0.63 -11.35 -9.81
C LYS B 50 1.65 -12.44 -10.05
N ALA B 51 1.19 -13.68 -10.26
CA ALA B 51 2.11 -14.78 -10.54
C ALA B 51 2.85 -14.56 -11.86
N LEU B 52 2.12 -14.14 -12.91
CA LEU B 52 2.76 -13.87 -14.19
C LEU B 52 3.81 -12.78 -14.07
N ILE B 53 3.52 -11.74 -13.30
CA ILE B 53 4.49 -10.65 -13.11
C ILE B 53 5.76 -11.19 -12.45
N GLU B 54 5.61 -12.04 -11.44
CA GLU B 54 6.79 -12.57 -10.76
C GLU B 54 7.58 -13.51 -11.67
N MET B 55 6.88 -14.30 -12.50
CA MET B 55 7.57 -15.18 -13.42
C MET B 55 8.33 -14.38 -14.47
N HIS B 56 7.77 -13.26 -14.90
CA HIS B 56 8.49 -12.39 -15.84
C HIS B 56 9.73 -11.81 -15.19
N LYS B 57 9.59 -11.30 -13.96
CA LYS B 57 10.75 -10.75 -13.26
C LYS B 57 11.85 -11.80 -13.09
N ALA B 58 11.47 -13.06 -12.89
CA ALA B 58 12.43 -14.14 -12.78
C ALA B 58 12.97 -14.60 -14.13
N GLY B 59 12.56 -13.97 -15.23
CA GLY B 59 13.05 -14.35 -16.54
C GLY B 59 12.46 -15.64 -17.08
N GLU B 60 11.29 -16.05 -16.61
CA GLU B 60 10.67 -17.29 -17.07
C GLU B 60 9.75 -17.09 -18.26
N VAL B 61 9.37 -15.84 -18.56
CA VAL B 61 8.47 -15.54 -19.65
C VAL B 61 8.66 -14.08 -20.02
N SER B 62 8.55 -13.79 -21.32
CA SER B 62 8.54 -12.43 -21.84
C SER B 62 7.25 -12.18 -22.59
N PHE B 63 6.71 -10.98 -22.45
CA PHE B 63 5.51 -10.56 -23.16
C PHE B 63 5.81 -9.63 -24.33
N LYS B 64 7.08 -9.54 -24.72
CA LYS B 64 7.47 -8.61 -25.78
C LYS B 64 6.69 -8.87 -27.07
N HIS B 65 6.41 -10.13 -27.39
CA HIS B 65 5.68 -10.48 -28.59
C HIS B 65 4.36 -11.17 -28.27
N VAL B 66 3.74 -10.76 -27.16
CA VAL B 66 2.39 -11.19 -26.81
C VAL B 66 1.44 -10.05 -27.13
N VAL B 67 0.39 -10.36 -27.90
CA VAL B 67 -0.69 -9.44 -28.23
C VAL B 67 -1.88 -9.81 -27.35
N THR B 68 -2.50 -8.82 -26.72
CA THR B 68 -3.61 -9.09 -25.82
C THR B 68 -4.91 -8.47 -26.31
N PHE B 69 -6.02 -9.15 -26.00
CA PHE B 69 -7.38 -8.65 -26.19
C PHE B 69 -8.11 -8.83 -24.87
N ASN B 70 -8.78 -7.80 -24.39
CA ASN B 70 -9.61 -7.98 -23.21
C ASN B 70 -11.04 -8.34 -23.59
N MET B 71 -11.76 -8.92 -22.63
CA MET B 71 -13.12 -9.39 -22.91
C MET B 71 -14.10 -8.25 -23.07
N ASP B 72 -13.93 -7.16 -22.32
CA ASP B 72 -15.00 -6.19 -22.23
C ASP B 72 -14.50 -4.88 -21.66
N GLU B 73 -15.39 -3.88 -21.70
CA GLU B 73 -15.16 -2.58 -21.07
C GLU B 73 -16.53 -2.00 -20.74
N TYR B 74 -16.60 -1.25 -19.64
CA TYR B 74 -17.83 -0.56 -19.29
C TYR B 74 -18.15 0.55 -20.30
N VAL B 75 -19.44 0.74 -20.57
CA VAL B 75 -19.92 1.87 -21.36
C VAL B 75 -20.14 3.07 -20.44
N GLY B 76 -19.72 4.26 -20.88
CA GLY B 76 -20.05 5.48 -20.20
C GLY B 76 -19.12 5.86 -19.07
N LEU B 77 -18.41 4.91 -18.49
CA LEU B 77 -17.44 5.20 -17.44
C LEU B 77 -16.20 5.82 -18.07
N ALA B 78 -15.70 6.91 -17.46
CA ALA B 78 -14.49 7.54 -17.97
C ALA B 78 -13.34 6.55 -18.02
N ALA B 79 -12.57 6.59 -19.12
CA ALA B 79 -11.49 5.64 -19.27
C ALA B 79 -10.43 5.79 -18.19
N ASP B 80 -10.23 7.00 -17.67
CA ASP B 80 -9.25 7.21 -16.61
C ASP B 80 -9.82 6.96 -15.22
N HIS B 81 -11.08 6.52 -15.12
CA HIS B 81 -11.61 6.08 -13.85
C HIS B 81 -10.78 4.90 -13.35
N PRO B 82 -10.43 4.85 -12.05
CA PRO B 82 -9.63 3.74 -11.54
C PRO B 82 -10.27 2.38 -11.74
N GLU B 83 -11.58 2.31 -11.90
CA GLU B 83 -12.27 1.02 -12.05
C GLU B 83 -12.69 0.75 -13.49
N SER B 84 -12.31 1.59 -14.44
CA SER B 84 -12.44 1.16 -15.84
C SER B 84 -11.58 -0.07 -16.05
N TYR B 85 -11.95 -0.89 -17.03
CA TYR B 85 -11.18 -2.09 -17.26
C TYR B 85 -9.83 -1.77 -17.89
N ARG B 86 -9.75 -0.65 -18.62
N ARG B 86 -9.74 -0.66 -18.63
CA ARG B 86 -8.46 -0.15 -19.10
CA ARG B 86 -8.44 -0.17 -19.09
C ARG B 86 -7.53 0.16 -17.93
C ARG B 86 -7.54 0.12 -17.91
N SER B 87 -8.04 0.86 -16.91
CA SER B 87 -7.23 1.18 -15.74
C SER B 87 -6.81 -0.07 -14.98
N PHE B 88 -7.75 -1.00 -14.80
CA PHE B 88 -7.47 -2.26 -14.15
C PHE B 88 -6.30 -2.97 -14.84
N MET B 89 -6.35 -3.07 -16.17
CA MET B 89 -5.34 -3.86 -16.88
C MET B 89 -3.97 -3.20 -16.82
N TYR B 90 -3.90 -1.87 -16.95
CA TYR B 90 -2.59 -1.23 -16.86
C TYR B 90 -2.04 -1.28 -15.44
N ASN B 91 -2.89 -1.01 -14.44
CA ASN B 91 -2.42 -0.92 -13.06
C ASN B 91 -2.04 -2.29 -12.51
N ASN B 92 -2.78 -3.33 -12.87
CA ASN B 92 -2.57 -4.65 -12.31
C ASN B 92 -1.68 -5.54 -13.18
N PHE B 93 -1.41 -5.16 -14.43
CA PHE B 93 -0.66 -6.07 -15.29
C PHE B 93 0.27 -5.36 -16.26
N PHE B 94 -0.26 -4.55 -17.18
CA PHE B 94 0.55 -4.04 -18.29
C PHE B 94 1.74 -3.21 -17.80
N ASN B 95 1.54 -2.43 -16.74
CA ASN B 95 2.63 -1.57 -16.27
C ASN B 95 3.75 -2.34 -15.59
N HIS B 96 3.61 -3.65 -15.40
CA HIS B 96 4.59 -4.43 -14.65
C HIS B 96 5.24 -5.53 -15.50
N ILE B 97 5.00 -5.56 -16.81
CA ILE B 97 5.56 -6.55 -17.71
C ILE B 97 6.07 -5.85 -18.96
N ASP B 98 6.83 -6.58 -19.77
CA ASP B 98 7.47 -6.00 -20.96
C ASP B 98 6.58 -6.10 -22.19
N ILE B 99 5.28 -5.92 -22.01
CA ILE B 99 4.35 -5.88 -23.14
C ILE B 99 4.53 -4.58 -23.91
N GLN B 100 4.25 -4.62 -25.21
CA GLN B 100 4.41 -3.46 -26.07
C GLN B 100 3.06 -2.77 -26.24
N GLU B 101 3.07 -1.44 -26.20
CA GLU B 101 1.83 -0.67 -26.24
C GLU B 101 1.03 -0.97 -27.50
N GLU B 102 1.71 -1.12 -28.65
CA GLU B 102 1.01 -1.41 -29.89
C GLU B 102 0.37 -2.79 -29.90
N ASN B 103 0.75 -3.66 -28.97
CA ASN B 103 0.24 -5.01 -28.92
C ASN B 103 -0.91 -5.17 -27.94
N ILE B 104 -1.34 -4.09 -27.30
CA ILE B 104 -2.47 -4.11 -26.36
C ILE B 104 -3.74 -3.72 -27.11
N ASN B 105 -4.81 -4.48 -26.89
CA ASN B 105 -6.10 -4.19 -27.51
C ASN B 105 -7.19 -4.16 -26.46
N LEU B 106 -7.94 -3.06 -26.44
CA LEU B 106 -8.99 -2.82 -25.47
C LEU B 106 -10.19 -2.23 -26.18
N LEU B 107 -11.37 -2.53 -25.66
CA LEU B 107 -12.59 -1.90 -26.14
C LEU B 107 -12.73 -0.50 -25.57
N ASN B 108 -13.21 0.42 -26.40
CA ASN B 108 -13.48 1.80 -26.00
C ASN B 108 -14.98 1.93 -25.77
N GLY B 109 -15.37 2.10 -24.51
CA GLY B 109 -16.78 2.20 -24.16
C GLY B 109 -17.39 3.58 -24.31
N ASN B 110 -16.64 4.55 -24.81
CA ASN B 110 -17.10 5.94 -24.84
C ASN B 110 -17.08 6.55 -26.24
N THR B 111 -17.14 5.73 -27.30
CA THR B 111 -17.25 6.32 -28.63
C THR B 111 -18.71 6.66 -28.94
N ASP B 112 -18.92 7.37 -30.04
CA ASP B 112 -20.26 7.74 -30.47
C ASP B 112 -20.89 6.68 -31.37
N ASP B 113 -20.27 5.50 -31.48
CA ASP B 113 -20.83 4.42 -32.31
C ASP B 113 -20.34 3.10 -31.72
N HIS B 114 -21.13 2.54 -30.81
CA HIS B 114 -20.73 1.30 -30.15
C HIS B 114 -20.60 0.16 -31.16
N GLU B 115 -21.51 0.11 -32.13
CA GLU B 115 -21.47 -0.97 -33.11
C GLU B 115 -20.18 -0.91 -33.94
N ALA B 116 -19.77 0.29 -34.34
CA ALA B 116 -18.53 0.42 -35.10
C ALA B 116 -17.31 0.06 -34.26
N GLU B 117 -17.34 0.42 -32.96
CA GLU B 117 -16.23 0.07 -32.09
C GLU B 117 -16.13 -1.44 -31.90
N CYS B 118 -17.27 -2.11 -31.76
CA CYS B 118 -17.26 -3.56 -31.62
C CYS B 118 -16.79 -4.24 -32.90
N LYS B 119 -17.21 -3.73 -34.06
CA LYS B 119 -16.75 -4.30 -35.32
C LYS B 119 -15.25 -4.06 -35.51
N ARG B 120 -14.77 -2.88 -35.13
CA ARG B 120 -13.33 -2.60 -35.17
C ARG B 120 -12.57 -3.64 -34.37
N TYR B 121 -13.09 -3.98 -33.19
CA TYR B 121 -12.45 -4.96 -32.32
C TYR B 121 -12.45 -6.34 -32.96
N GLU B 122 -13.61 -6.77 -33.48
CA GLU B 122 -13.65 -8.05 -34.19
C GLU B 122 -12.68 -8.06 -35.36
N ASP B 123 -12.61 -6.95 -36.10
CA ASP B 123 -11.72 -6.92 -37.26
C ASP B 123 -10.25 -7.01 -36.83
N LYS B 124 -9.93 -6.42 -35.68
CA LYS B 124 -8.56 -6.49 -35.16
C LYS B 124 -8.21 -7.90 -34.73
N ILE B 125 -9.13 -8.61 -34.08
CA ILE B 125 -8.89 -10.02 -33.78
C ILE B 125 -8.61 -10.79 -35.07
N LYS B 126 -9.45 -10.59 -36.08
CA LYS B 126 -9.28 -11.29 -37.34
C LYS B 126 -7.95 -10.97 -38.01
N SER B 127 -7.40 -9.78 -37.75
CA SER B 127 -6.12 -9.42 -38.36
C SER B 127 -4.97 -10.30 -37.85
N TYR B 128 -5.14 -10.94 -36.68
CA TYR B 128 -4.16 -11.87 -36.15
C TYR B 128 -4.51 -13.33 -36.42
N GLY B 129 -5.62 -13.59 -37.11
CA GLY B 129 -6.04 -14.94 -37.36
C GLY B 129 -6.91 -15.46 -36.23
N LYS B 130 -6.28 -15.88 -35.14
CA LYS B 130 -7.00 -16.45 -34.01
C LYS B 130 -6.36 -15.98 -32.72
N ILE B 131 -7.17 -15.98 -31.67
CA ILE B 131 -6.65 -15.89 -30.31
C ILE B 131 -6.17 -17.28 -29.89
N ASN B 132 -4.92 -17.36 -29.41
CA ASN B 132 -4.36 -18.66 -29.10
C ASN B 132 -4.85 -19.19 -27.75
N LEU B 133 -5.04 -18.31 -26.77
CA LEU B 133 -5.51 -18.71 -25.45
C LEU B 133 -6.36 -17.57 -24.91
N PHE B 134 -7.60 -17.87 -24.50
CA PHE B 134 -8.46 -16.85 -23.91
C PHE B 134 -8.73 -17.25 -22.47
N MET B 135 -8.24 -16.43 -21.53
CA MET B 135 -8.55 -16.61 -20.12
C MET B 135 -9.78 -15.80 -19.77
N GLY B 136 -10.64 -16.36 -18.93
CA GLY B 136 -11.81 -15.64 -18.46
C GLY B 136 -12.15 -16.02 -17.04
N GLY B 137 -13.15 -15.33 -16.49
CA GLY B 137 -13.84 -15.75 -15.30
C GLY B 137 -15.25 -16.21 -15.61
N VAL B 138 -16.07 -16.30 -14.57
CA VAL B 138 -17.49 -16.62 -14.75
C VAL B 138 -18.32 -15.76 -13.80
N GLY B 139 -19.46 -15.29 -14.28
CA GLY B 139 -20.34 -14.52 -13.43
C GLY B 139 -21.10 -15.41 -12.47
N ASN B 140 -21.60 -14.80 -11.39
CA ASN B 140 -22.51 -15.53 -10.51
C ASN B 140 -23.64 -16.17 -11.32
N ASP B 141 -24.10 -15.45 -12.35
CA ASP B 141 -25.22 -15.87 -13.17
C ASP B 141 -24.78 -16.70 -14.36
N GLY B 142 -23.52 -17.15 -14.39
CA GLY B 142 -23.06 -18.02 -15.44
C GLY B 142 -22.46 -17.33 -16.64
N HIS B 143 -22.36 -16.01 -16.66
CA HIS B 143 -21.87 -15.39 -17.89
C HIS B 143 -20.38 -15.64 -18.10
N ILE B 144 -19.99 -15.73 -19.36
N ILE B 144 -19.99 -15.73 -19.36
CA ILE B 144 -18.60 -15.57 -19.76
CA ILE B 144 -18.61 -15.57 -19.76
C ILE B 144 -18.51 -14.27 -20.54
C ILE B 144 -18.52 -14.27 -20.55
N ALA B 145 -17.41 -13.54 -20.36
CA ALA B 145 -17.34 -12.12 -20.70
C ALA B 145 -18.56 -11.45 -20.07
N PHE B 146 -19.29 -10.59 -20.76
CA PHE B 146 -20.58 -10.11 -20.23
C PHE B 146 -21.74 -10.64 -21.07
N ASN B 147 -21.64 -11.90 -21.48
CA ASN B 147 -22.74 -12.56 -22.18
C ASN B 147 -23.74 -13.04 -21.13
N GLU B 148 -24.57 -12.09 -20.72
CA GLU B 148 -25.55 -12.28 -19.66
C GLU B 148 -26.61 -13.30 -20.07
N PRO B 149 -27.38 -13.82 -19.10
CA PRO B 149 -28.41 -14.81 -19.42
C PRO B 149 -29.27 -14.38 -20.61
N ALA B 150 -29.56 -15.36 -21.47
CA ALA B 150 -30.32 -15.21 -22.72
C ALA B 150 -29.49 -14.52 -23.81
N SER B 151 -28.16 -14.63 -23.75
CA SER B 151 -27.32 -14.21 -24.87
C SER B 151 -27.29 -15.29 -25.94
N SER B 152 -27.17 -14.86 -27.19
CA SER B 152 -26.95 -15.82 -28.26
C SER B 152 -25.66 -16.61 -28.03
N LEU B 153 -25.73 -17.93 -28.22
CA LEU B 153 -24.54 -18.76 -28.11
C LEU B 153 -23.63 -18.68 -29.33
N SER B 154 -23.99 -17.89 -30.34
CA SER B 154 -23.08 -17.58 -31.44
C SER B 154 -22.89 -16.07 -31.59
N SER B 155 -23.09 -15.33 -30.50
CA SER B 155 -22.98 -13.89 -30.55
C SER B 155 -21.55 -13.44 -30.85
N ARG B 156 -21.45 -12.25 -31.43
CA ARG B 156 -20.19 -11.56 -31.66
C ARG B 156 -20.09 -10.40 -30.66
N THR B 157 -19.08 -9.55 -30.83
CA THR B 157 -18.88 -8.44 -29.90
C THR B 157 -19.97 -7.39 -30.05
N ARG B 158 -20.56 -6.96 -28.93
CA ARG B 158 -21.66 -6.01 -28.96
C ARG B 158 -21.85 -5.39 -27.58
N ILE B 159 -22.72 -4.38 -27.52
CA ILE B 159 -23.13 -3.83 -26.24
C ILE B 159 -24.13 -4.77 -25.58
N LYS B 160 -23.99 -4.95 -24.26
CA LYS B 160 -24.91 -5.76 -23.49
C LYS B 160 -25.34 -5.02 -22.22
N THR B 161 -26.52 -5.37 -21.73
CA THR B 161 -27.06 -4.80 -20.49
C THR B 161 -26.67 -5.71 -19.33
N LEU B 162 -26.01 -5.16 -18.32
CA LEU B 162 -25.62 -5.97 -17.17
C LEU B 162 -26.83 -6.29 -16.31
N THR B 163 -26.86 -7.52 -15.77
CA THR B 163 -27.94 -7.88 -14.86
C THR B 163 -27.76 -7.17 -13.53
N GLU B 164 -28.85 -7.10 -12.77
CA GLU B 164 -28.76 -6.57 -11.41
C GLU B 164 -27.77 -7.38 -10.59
N ASP B 165 -27.79 -8.71 -10.75
N ASP B 165 -27.77 -8.70 -10.75
CA ASP B 165 -26.88 -9.57 -10.01
CA ASP B 165 -26.86 -9.52 -9.93
C ASP B 165 -25.43 -9.21 -10.30
C ASP B 165 -25.40 -9.29 -10.30
N THR B 166 -25.11 -9.01 -11.59
CA THR B 166 -23.75 -8.62 -11.96
C THR B 166 -23.37 -7.27 -11.37
N ARG B 167 -24.29 -6.31 -11.41
CA ARG B 167 -23.97 -4.98 -10.89
C ARG B 167 -23.84 -4.99 -9.37
N ILE B 168 -24.65 -5.80 -8.68
CA ILE B 168 -24.46 -5.95 -7.23
C ILE B 168 -23.09 -6.53 -6.93
N ALA B 169 -22.72 -7.61 -7.62
CA ALA B 169 -21.40 -8.21 -7.43
C ALA B 169 -20.29 -7.18 -7.67
N ASN B 170 -20.36 -6.46 -8.80
CA ASN B 170 -19.30 -5.55 -9.15
C ASN B 170 -19.30 -4.26 -8.33
N SER B 171 -20.39 -3.99 -7.61
CA SER B 171 -20.43 -2.80 -6.76
C SER B 171 -19.39 -2.84 -5.66
N ARG B 172 -18.82 -4.02 -5.36
CA ARG B 172 -17.76 -4.08 -4.35
C ARG B 172 -16.53 -3.31 -4.78
N PHE B 173 -16.38 -3.03 -6.07
CA PHE B 173 -15.29 -2.20 -6.57
C PHE B 173 -15.66 -0.72 -6.64
N PHE B 174 -16.89 -0.37 -6.28
CA PHE B 174 -17.39 0.99 -6.28
C PHE B 174 -17.90 1.36 -4.89
N ASP B 175 -17.14 0.98 -3.86
CA ASP B 175 -17.47 1.30 -2.46
C ASP B 175 -18.84 0.74 -2.07
N GLY B 176 -19.23 -0.38 -2.67
CA GLY B 176 -20.51 -1.00 -2.38
C GLY B 176 -21.71 -0.28 -2.91
N ASP B 177 -21.53 0.72 -3.78
CA ASP B 177 -22.60 1.59 -4.24
C ASP B 177 -23.01 1.15 -5.64
N ILE B 178 -24.14 0.45 -5.74
CA ILE B 178 -24.58 -0.06 -7.03
C ILE B 178 -24.88 1.08 -8.01
N ASN B 179 -25.24 2.27 -7.51
CA ASN B 179 -25.53 3.40 -8.38
C ASN B 179 -24.30 3.91 -9.13
N GLN B 180 -23.10 3.54 -8.69
CA GLN B 180 -21.89 3.89 -9.43
C GLN B 180 -21.52 2.88 -10.49
N VAL B 181 -22.14 1.70 -10.49
CA VAL B 181 -21.77 0.64 -11.44
C VAL B 181 -22.44 0.94 -12.78
N PRO B 182 -21.70 0.96 -13.88
CA PRO B 182 -22.33 1.18 -15.19
C PRO B 182 -23.42 0.15 -15.46
N LYS B 183 -24.37 0.55 -16.30
CA LYS B 183 -25.48 -0.33 -16.69
C LYS B 183 -25.18 -1.15 -17.92
N TYR B 184 -24.26 -0.71 -18.78
CA TYR B 184 -23.97 -1.41 -20.02
C TYR B 184 -22.46 -1.63 -20.16
N ALA B 185 -22.11 -2.60 -21.00
CA ALA B 185 -20.73 -2.88 -21.34
C ALA B 185 -20.65 -3.34 -22.78
N LEU B 186 -19.50 -3.06 -23.40
CA LEU B 186 -19.14 -3.71 -24.66
C LEU B 186 -18.43 -5.00 -24.32
N THR B 187 -18.82 -6.09 -24.96
CA THR B 187 -18.27 -7.40 -24.61
C THR B 187 -18.12 -8.25 -25.86
N ILE B 188 -17.03 -9.03 -25.91
CA ILE B 188 -16.93 -10.06 -26.94
C ILE B 188 -18.09 -11.03 -26.77
N GLY B 189 -18.47 -11.68 -27.86
CA GLY B 189 -19.60 -12.61 -27.81
C GLY B 189 -19.18 -14.02 -27.43
N VAL B 190 -20.20 -14.86 -27.23
CA VAL B 190 -19.95 -16.28 -27.03
C VAL B 190 -19.26 -16.88 -28.26
N GLY B 191 -19.73 -16.51 -29.45
CA GLY B 191 -19.06 -16.94 -30.66
C GLY B 191 -17.63 -16.44 -30.76
N THR B 192 -17.39 -15.18 -30.39
CA THR B 192 -16.03 -14.65 -30.38
C THR B 192 -15.13 -15.50 -29.49
N LEU B 193 -15.62 -15.82 -28.29
CA LEU B 193 -14.82 -16.61 -27.36
C LEU B 193 -14.56 -18.01 -27.91
N LEU B 194 -15.60 -18.65 -28.46
CA LEU B 194 -15.45 -20.00 -28.99
C LEU B 194 -14.49 -20.05 -30.18
N ASP B 195 -14.22 -18.91 -30.83
CA ASP B 195 -13.26 -18.90 -31.93
C ASP B 195 -11.82 -19.02 -31.45
N ALA B 196 -11.56 -18.82 -30.16
CA ALA B 196 -10.20 -18.96 -29.64
C ALA B 196 -9.75 -20.41 -29.74
N GLN B 197 -8.44 -20.62 -29.83
CA GLN B 197 -7.93 -22.00 -29.90
C GLN B 197 -8.12 -22.73 -28.58
N GLU B 198 -8.04 -22.03 -27.46
CA GLU B 198 -8.13 -22.63 -26.14
C GLU B 198 -8.78 -21.61 -25.22
N ILE B 199 -9.65 -22.08 -24.33
CA ILE B 199 -10.33 -21.22 -23.37
C ILE B 199 -10.02 -21.74 -21.98
N MET B 200 -9.64 -20.84 -21.08
CA MET B 200 -9.35 -21.21 -19.69
C MET B 200 -10.16 -20.30 -18.79
N ILE B 201 -11.13 -20.88 -18.08
CA ILE B 201 -12.02 -20.12 -17.19
C ILE B 201 -11.61 -20.42 -15.76
N LEU B 202 -11.38 -19.36 -14.98
CA LEU B 202 -11.04 -19.49 -13.56
C LEU B 202 -12.30 -19.31 -12.73
N VAL B 203 -12.50 -20.17 -11.73
CA VAL B 203 -13.73 -20.19 -10.94
C VAL B 203 -13.35 -20.36 -9.48
N THR B 204 -13.56 -19.32 -8.65
CA THR B 204 -13.21 -19.41 -7.24
C THR B 204 -14.34 -18.85 -6.39
N GLY B 205 -14.64 -19.55 -5.30
CA GLY B 205 -15.56 -19.02 -4.31
C GLY B 205 -16.95 -19.65 -4.38
N HIS B 206 -17.62 -19.68 -3.24
N HIS B 206 -17.60 -19.70 -3.22
CA HIS B 206 -18.95 -20.29 -3.19
CA HIS B 206 -18.97 -20.22 -3.10
C HIS B 206 -19.99 -19.49 -3.98
C HIS B 206 -19.92 -19.52 -4.05
N ASN B 207 -19.73 -18.21 -4.26
CA ASN B 207 -20.64 -17.42 -5.08
C ASN B 207 -20.77 -17.95 -6.49
N LYS B 208 -19.79 -18.72 -6.96
CA LYS B 208 -19.77 -19.25 -8.32
C LYS B 208 -20.23 -20.70 -8.39
N ALA B 209 -20.70 -21.28 -7.28
CA ALA B 209 -20.98 -22.72 -7.27
C ALA B 209 -22.13 -23.09 -8.21
N LEU B 210 -23.19 -22.27 -8.25
CA LEU B 210 -24.27 -22.57 -9.20
C LEU B 210 -23.80 -22.43 -10.65
N ALA B 211 -22.94 -21.45 -10.93
CA ALA B 211 -22.40 -21.31 -12.28
C ALA B 211 -21.55 -22.51 -12.67
N LEU B 212 -20.74 -23.02 -11.74
CA LEU B 212 -19.90 -24.19 -12.04
C LEU B 212 -20.76 -25.43 -12.27
N GLN B 213 -21.82 -25.61 -11.47
CA GLN B 213 -22.76 -26.70 -11.70
C GLN B 213 -23.36 -26.61 -13.09
N ALA B 214 -23.76 -25.40 -13.51
CA ALA B 214 -24.32 -25.25 -14.85
C ALA B 214 -23.28 -25.55 -15.92
N ALA B 215 -22.02 -25.15 -15.68
CA ALA B 215 -20.98 -25.38 -16.68
C ALA B 215 -20.68 -26.87 -16.85
N VAL B 216 -20.66 -27.62 -15.75
CA VAL B 216 -20.13 -28.97 -15.72
C VAL B 216 -21.24 -30.02 -15.79
N GLU B 217 -22.32 -29.84 -15.04
CA GLU B 217 -23.38 -30.84 -14.96
C GLU B 217 -24.62 -30.48 -15.76
N GLY B 218 -24.82 -29.19 -16.06
CA GLY B 218 -25.97 -28.76 -16.84
C GLY B 218 -25.80 -29.00 -18.33
N SER B 219 -26.87 -28.73 -19.08
CA SER B 219 -26.83 -28.86 -20.52
C SER B 219 -26.55 -27.52 -21.18
N VAL B 220 -26.34 -27.55 -22.50
CA VAL B 220 -26.04 -26.33 -23.25
C VAL B 220 -27.29 -25.46 -23.28
N ASN B 221 -27.16 -24.22 -22.82
N ASN B 221 -27.17 -24.21 -22.81
CA ASN B 221 -28.29 -23.32 -22.83
CA ASN B 221 -28.32 -23.34 -22.62
C ASN B 221 -27.78 -21.90 -22.83
C ASN B 221 -27.90 -21.88 -22.52
N HIS B 222 -28.66 -20.98 -23.17
CA HIS B 222 -28.29 -19.57 -23.24
C HIS B 222 -28.49 -18.81 -21.93
N LEU B 223 -29.03 -19.42 -20.88
CA LEU B 223 -29.12 -18.71 -19.61
C LEU B 223 -27.79 -18.73 -18.85
N TRP B 224 -27.00 -19.79 -18.99
CA TRP B 224 -25.69 -19.91 -18.34
C TRP B 224 -24.69 -20.04 -19.49
N THR B 225 -24.17 -18.90 -19.98
CA THR B 225 -23.43 -19.00 -21.24
C THR B 225 -22.11 -19.72 -21.08
N VAL B 226 -21.61 -19.88 -19.84
CA VAL B 226 -20.48 -20.74 -19.59
C VAL B 226 -20.73 -22.18 -20.08
N SER B 227 -22.00 -22.58 -20.22
CA SER B 227 -22.29 -23.92 -20.71
C SER B 227 -21.83 -24.10 -22.15
N ALA B 228 -21.59 -23.00 -22.87
CA ALA B 228 -21.13 -23.11 -24.24
C ALA B 228 -19.74 -23.74 -24.34
N LEU B 229 -18.98 -23.75 -23.25
CA LEU B 229 -17.67 -24.40 -23.29
C LEU B 229 -17.76 -25.87 -23.66
N GLN B 230 -18.93 -26.50 -23.41
CA GLN B 230 -19.09 -27.91 -23.79
C GLN B 230 -18.97 -28.11 -25.29
N LEU B 231 -19.16 -27.06 -26.09
CA LEU B 231 -19.07 -27.14 -27.54
C LEU B 231 -17.65 -26.94 -28.07
N HIS B 232 -16.74 -26.51 -27.22
CA HIS B 232 -15.42 -26.07 -27.64
C HIS B 232 -14.42 -27.22 -27.59
N PRO B 233 -13.48 -27.30 -28.54
CA PRO B 233 -12.56 -28.45 -28.57
C PRO B 233 -11.49 -28.41 -27.50
N LYS B 234 -11.22 -27.26 -26.87
CA LYS B 234 -10.11 -27.20 -25.92
C LYS B 234 -10.45 -26.18 -24.83
N ALA B 235 -11.34 -26.59 -23.92
CA ALA B 235 -11.78 -25.77 -22.81
C ALA B 235 -11.26 -26.34 -21.50
N VAL B 236 -10.81 -25.44 -20.62
N VAL B 236 -10.80 -25.47 -20.59
CA VAL B 236 -10.28 -25.77 -19.29
CA VAL B 236 -10.32 -25.90 -19.29
C VAL B 236 -11.03 -24.91 -18.29
C VAL B 236 -10.86 -24.96 -18.23
N ILE B 237 -11.47 -25.52 -17.20
CA ILE B 237 -11.99 -24.78 -16.05
C ILE B 237 -11.07 -25.09 -14.88
N VAL B 238 -10.58 -24.05 -14.21
CA VAL B 238 -9.70 -24.17 -13.06
C VAL B 238 -10.46 -23.64 -11.85
N CYS B 239 -10.68 -24.49 -10.84
CA CYS B 239 -11.59 -24.09 -9.76
C CYS B 239 -11.01 -24.44 -8.39
N ASP B 240 -11.55 -23.78 -7.37
CA ASP B 240 -11.17 -24.07 -6.00
C ASP B 240 -12.29 -24.84 -5.29
N GLU B 241 -11.99 -25.32 -4.09
N GLU B 241 -11.99 -25.31 -4.09
CA GLU B 241 -12.98 -26.15 -3.39
CA GLU B 241 -12.93 -26.13 -3.33
C GLU B 241 -14.28 -25.41 -3.08
C GLU B 241 -14.25 -25.42 -3.06
N PRO B 242 -14.27 -24.16 -2.61
CA PRO B 242 -15.58 -23.49 -2.39
C PRO B 242 -16.47 -23.44 -3.62
N SER B 243 -15.90 -23.36 -4.82
CA SER B 243 -16.76 -23.27 -6.00
C SER B 243 -17.44 -24.59 -6.34
N THR B 244 -17.04 -25.71 -5.71
CA THR B 244 -17.59 -27.01 -6.08
C THR B 244 -18.82 -27.41 -5.28
N GLN B 245 -19.33 -26.52 -4.42
CA GLN B 245 -20.32 -26.94 -3.42
C GLN B 245 -21.59 -27.50 -4.04
N GLU B 246 -21.95 -27.06 -5.25
CA GLU B 246 -23.21 -27.53 -5.85
C GLU B 246 -23.01 -28.72 -6.78
N LEU B 247 -21.77 -29.16 -7.00
CA LEU B 247 -21.53 -30.36 -7.78
C LEU B 247 -21.82 -31.62 -6.96
N LYS B 248 -22.08 -32.72 -7.67
CA LYS B 248 -22.17 -34.00 -6.98
C LYS B 248 -20.79 -34.47 -6.55
N VAL B 249 -20.78 -35.22 -5.44
CA VAL B 249 -19.55 -35.85 -4.95
C VAL B 249 -18.85 -36.61 -6.06
N LYS B 250 -19.62 -37.39 -6.85
CA LYS B 250 -18.99 -38.20 -7.89
C LYS B 250 -18.36 -37.35 -8.98
N THR B 251 -18.89 -36.13 -9.20
CA THR B 251 -18.32 -35.25 -10.21
C THR B 251 -16.94 -34.77 -9.79
N VAL B 252 -16.83 -34.28 -8.55
CA VAL B 252 -15.53 -33.83 -8.04
C VAL B 252 -14.55 -35.00 -8.04
N LYS B 253 -14.99 -36.17 -7.62
CA LYS B 253 -14.09 -37.33 -7.57
C LYS B 253 -13.58 -37.68 -8.97
N TYR B 254 -14.47 -37.68 -9.95
CA TYR B 254 -14.09 -37.97 -11.34
C TYR B 254 -12.95 -37.09 -11.81
N PHE B 255 -13.11 -35.76 -11.67
CA PHE B 255 -12.07 -34.87 -12.18
C PHE B 255 -10.82 -34.89 -11.31
N THR B 256 -10.98 -35.10 -10.00
CA THR B 256 -9.81 -35.17 -9.14
C THR B 256 -8.95 -36.37 -9.50
N GLU B 257 -9.58 -37.50 -9.83
CA GLU B 257 -8.81 -38.68 -10.23
C GLU B 257 -8.19 -38.48 -11.62
N LEU B 258 -8.94 -37.84 -12.53
N LEU B 258 -8.95 -37.86 -12.53
CA LEU B 258 -8.43 -37.62 -13.89
CA LEU B 258 -8.42 -37.64 -13.89
C LEU B 258 -7.19 -36.74 -13.89
C LEU B 258 -7.16 -36.77 -13.86
N GLU B 259 -7.17 -35.73 -13.02
CA GLU B 259 -6.11 -34.73 -13.01
C GLU B 259 -5.08 -34.95 -11.90
N ALA B 260 -5.14 -36.10 -11.22
CA ALA B 260 -4.31 -36.32 -10.03
C ALA B 260 -2.85 -35.98 -10.29
N LYS B 261 -2.28 -36.50 -11.37
CA LYS B 261 -0.86 -36.25 -11.61
C LYS B 261 -0.58 -34.81 -12.00
N ASN B 262 -1.59 -34.07 -12.45
CA ASN B 262 -1.42 -32.70 -12.89
C ASN B 262 -1.68 -31.66 -11.81
N ILE B 263 -2.20 -32.08 -10.65
CA ILE B 263 -2.46 -31.15 -9.56
C ILE B 263 -1.61 -31.42 -8.32
N VAL B 264 -0.90 -32.55 -8.28
CA VAL B 264 -0.18 -32.93 -7.06
C VAL B 264 0.93 -31.94 -6.71
N GLY B 265 1.42 -31.17 -7.68
CA GLY B 265 2.40 -30.14 -7.40
C GLY B 265 1.81 -28.82 -6.94
N PHE B 266 0.49 -28.67 -7.03
CA PHE B 266 -0.21 -27.48 -6.57
C PHE B 266 -1.05 -27.81 -5.34
N ARG B 267 -0.46 -28.56 -4.41
CA ARG B 267 -1.21 -29.09 -3.26
C ARG B 267 -1.13 -28.19 -2.03
N MET C 1 21.53 -16.37 31.20
CA MET C 1 20.62 -15.24 30.97
C MET C 1 20.74 -14.20 32.08
N ARG C 2 20.25 -12.99 31.82
CA ARG C 2 20.04 -12.00 32.87
C ARG C 2 18.57 -11.95 33.23
N LEU C 3 18.27 -11.90 34.52
CA LEU C 3 16.94 -11.58 34.99
C LEU C 3 17.04 -10.28 35.78
N ILE C 4 16.26 -9.29 35.37
CA ILE C 4 16.23 -7.97 36.00
C ILE C 4 15.00 -7.88 36.89
N PRO C 5 15.15 -8.01 38.21
CA PRO C 5 13.97 -8.03 39.07
C PRO C 5 13.64 -6.63 39.58
N LEU C 6 12.63 -6.00 38.99
CA LEU C 6 12.19 -4.68 39.38
C LEU C 6 10.89 -4.77 40.16
N LYS C 7 10.51 -3.67 40.81
CA LYS C 7 9.32 -3.71 41.65
C LYS C 7 8.04 -3.60 40.83
N ALA C 8 7.98 -2.63 39.91
CA ALA C 8 6.72 -2.25 39.28
C ALA C 8 6.84 -2.27 37.77
N ALA C 9 5.68 -2.46 37.11
CA ALA C 9 5.63 -2.51 35.66
C ALA C 9 6.19 -1.24 35.02
N ALA C 10 5.92 -0.08 35.65
CA ALA C 10 6.44 1.16 35.09
C ALA C 10 7.96 1.17 35.04
N GLN C 11 8.61 0.53 36.03
CA GLN C 11 10.06 0.44 36.03
C GLN C 11 10.55 -0.50 34.95
N VAL C 12 9.85 -1.61 34.74
CA VAL C 12 10.19 -2.53 33.65
C VAL C 12 10.22 -1.80 32.32
N GLY C 13 9.19 -0.99 32.07
CA GLY C 13 9.12 -0.26 30.81
C GLY C 13 10.25 0.73 30.63
N LYS C 14 10.62 1.43 31.70
CA LYS C 14 11.72 2.38 31.62
C LYS C 14 13.04 1.68 31.38
N TRP C 15 13.26 0.55 32.04
CA TRP C 15 14.52 -0.18 31.87
C TRP C 15 14.63 -0.73 30.44
N ALA C 16 13.54 -1.31 29.92
CA ALA C 16 13.56 -1.86 28.58
C ALA C 16 13.82 -0.76 27.55
N ALA C 17 13.20 0.41 27.73
CA ALA C 17 13.42 1.49 26.78
C ALA C 17 14.87 1.95 26.82
N ALA C 18 15.42 2.10 28.03
CA ALA C 18 16.82 2.50 28.16
C ALA C 18 17.75 1.48 27.51
N HIS C 19 17.40 0.20 27.60
CA HIS C 19 18.23 -0.84 27.01
C HIS C 19 18.17 -0.78 25.49
N ILE C 20 16.99 -0.55 24.92
CA ILE C 20 16.86 -0.40 23.47
C ILE C 20 17.68 0.79 22.99
N VAL C 21 17.59 1.92 23.69
CA VAL C 21 18.33 3.11 23.28
C VAL C 21 19.83 2.87 23.39
N LYS C 22 20.27 2.18 24.45
CA LYS C 22 21.69 1.87 24.59
C LYS C 22 22.19 1.05 23.41
N ARG C 23 21.44 0.01 23.02
CA ARG C 23 21.86 -0.82 21.90
C ARG C 23 21.88 -0.04 20.60
N ILE C 24 20.84 0.76 20.34
CA ILE C 24 20.80 1.54 19.10
C ILE C 24 21.97 2.50 19.03
N ASN C 25 22.21 3.25 20.11
CA ASN C 25 23.22 4.29 20.05
C ASN C 25 24.63 3.72 19.97
N GLU C 26 24.87 2.58 20.62
CA GLU C 26 26.20 2.00 20.54
C GLU C 26 26.43 1.29 19.21
N PHE C 27 25.35 0.86 18.56
CA PHE C 27 25.45 0.27 17.22
C PHE C 27 25.82 1.30 16.17
N GLN C 28 25.33 2.54 16.34
CA GLN C 28 25.56 3.66 15.42
C GLN C 28 25.02 3.33 14.03
N PRO C 29 23.69 3.19 13.89
CA PRO C 29 23.15 2.73 12.61
C PRO C 29 23.25 3.78 11.50
N THR C 30 23.30 3.28 10.27
CA THR C 30 23.34 4.11 9.08
C THR C 30 22.39 3.53 8.04
N ALA C 31 22.24 4.24 6.92
CA ALA C 31 21.44 3.71 5.82
C ALA C 31 22.00 2.36 5.35
N GLU C 32 23.32 2.27 5.20
CA GLU C 32 23.94 1.04 4.72
C GLU C 32 23.95 -0.06 5.79
N ARG C 33 23.87 0.30 7.07
CA ARG C 33 23.98 -0.67 8.15
C ARG C 33 22.97 -0.28 9.23
N PRO C 34 21.69 -0.61 9.01
CA PRO C 34 20.66 -0.24 9.99
C PRO C 34 20.70 -1.13 11.21
N PHE C 35 20.16 -0.61 12.30
CA PHE C 35 19.90 -1.42 13.48
C PHE C 35 18.55 -2.11 13.29
N VAL C 36 18.51 -3.41 13.53
CA VAL C 36 17.32 -4.22 13.26
C VAL C 36 16.70 -4.61 14.60
N LEU C 37 15.48 -4.14 14.84
CA LEU C 37 14.81 -4.23 16.13
C LEU C 37 13.53 -5.05 15.97
N GLY C 38 13.42 -6.14 16.73
CA GLY C 38 12.20 -6.92 16.74
C GLY C 38 11.28 -6.46 17.86
N LEU C 39 9.98 -6.45 17.58
CA LEU C 39 9.01 -5.79 18.46
C LEU C 39 7.77 -6.63 18.69
N PRO C 40 7.17 -6.52 19.90
CA PRO C 40 5.90 -7.20 20.17
C PRO C 40 4.73 -6.24 20.25
N THR C 41 3.51 -6.78 20.19
CA THR C 41 2.36 -6.00 20.63
C THR C 41 1.91 -6.50 22.00
N GLY C 42 0.64 -6.33 22.33
CA GLY C 42 0.14 -6.68 23.64
C GLY C 42 0.20 -5.51 24.59
N GLY C 43 -0.28 -5.77 25.82
CA GLY C 43 -0.28 -4.72 26.83
C GLY C 43 1.07 -4.48 27.48
N THR C 44 1.88 -5.52 27.61
CA THR C 44 3.15 -5.36 28.34
C THR C 44 4.05 -4.27 27.77
N PRO C 45 4.27 -4.14 26.45
CA PRO C 45 5.26 -3.18 25.97
C PRO C 45 4.78 -1.74 25.89
N LEU C 46 3.53 -1.45 26.26
CA LEU C 46 3.01 -0.10 26.07
C LEU C 46 3.84 0.94 26.83
N ALA C 47 4.21 0.65 28.08
CA ALA C 47 5.03 1.60 28.83
C ALA C 47 6.39 1.82 28.18
N THR C 48 6.95 0.76 27.59
CA THR C 48 8.22 0.88 26.89
C THR C 48 8.08 1.79 25.66
N TYR C 49 7.03 1.57 24.85
CA TYR C 49 6.83 2.43 23.69
C TYR C 49 6.66 3.89 24.09
N LYS C 50 5.89 4.15 25.15
CA LYS C 50 5.72 5.53 25.60
C LYS C 50 7.05 6.14 26.03
N ALA C 51 7.88 5.36 26.72
CA ALA C 51 9.18 5.88 27.14
C ALA C 51 10.09 6.15 25.94
N LEU C 52 10.08 5.25 24.96
CA LEU C 52 10.91 5.46 23.76
C LEU C 52 10.48 6.72 23.02
N ILE C 53 9.17 6.94 22.91
CA ILE C 53 8.68 8.16 22.26
C ILE C 53 9.19 9.39 23.01
N GLU C 54 9.10 9.36 24.34
CA GLU C 54 9.58 10.48 25.14
C GLU C 54 11.08 10.69 24.95
N MET C 55 11.85 9.59 24.92
CA MET C 55 13.29 9.72 24.73
C MET C 55 13.60 10.29 23.36
N HIS C 56 12.87 9.86 22.33
CA HIS C 56 13.09 10.39 20.98
C HIS C 56 12.76 11.89 20.94
N LYS C 57 11.63 12.28 21.52
CA LYS C 57 11.27 13.70 21.55
C LYS C 57 12.32 14.53 22.28
N ALA C 58 13.00 13.94 23.26
CA ALA C 58 14.06 14.62 24.00
C ALA C 58 15.39 14.60 23.25
N GLY C 59 15.45 13.98 22.08
CA GLY C 59 16.67 13.93 21.31
C GLY C 59 17.68 12.89 21.75
N GLU C 60 17.24 11.89 22.53
CA GLU C 60 18.13 10.86 23.03
C GLU C 60 18.31 9.69 22.06
N VAL C 61 17.45 9.58 21.05
CA VAL C 61 17.51 8.44 20.13
C VAL C 61 16.77 8.83 18.87
N SER C 62 17.26 8.32 17.73
CA SER C 62 16.60 8.48 16.45
C SER C 62 16.35 7.10 15.86
N PHE C 63 15.17 6.92 15.26
CA PHE C 63 14.82 5.69 14.58
C PHE C 63 14.93 5.79 13.07
N LYS C 64 15.59 6.84 12.57
CA LYS C 64 15.68 7.05 11.13
C LYS C 64 16.31 5.85 10.43
N HIS C 65 17.29 5.21 11.05
CA HIS C 65 17.95 4.06 10.48
C HIS C 65 17.74 2.81 11.33
N VAL C 66 16.56 2.69 11.94
CA VAL C 66 16.13 1.46 12.60
C VAL C 66 15.12 0.75 11.72
N VAL C 67 15.37 -0.54 11.47
CA VAL C 67 14.47 -1.42 10.75
C VAL C 67 13.75 -2.27 11.79
N THR C 68 12.43 -2.39 11.67
CA THR C 68 11.68 -3.16 12.65
C THR C 68 11.01 -4.36 12.01
N PHE C 69 10.90 -5.42 12.81
CA PHE C 69 10.12 -6.61 12.49
C PHE C 69 9.22 -6.90 13.68
N ASN C 70 7.93 -7.13 13.43
CA ASN C 70 7.08 -7.55 14.53
C ASN C 70 7.00 -9.07 14.64
N MET C 71 6.60 -9.54 15.82
CA MET C 71 6.53 -10.97 16.09
C MET C 71 5.42 -11.66 15.31
N ASP C 72 4.28 -10.99 15.13
CA ASP C 72 3.10 -11.73 14.69
C ASP C 72 2.00 -10.78 14.24
N GLU C 73 0.95 -11.38 13.69
CA GLU C 73 -0.25 -10.66 13.30
C GLU C 73 -1.40 -11.67 13.28
N TYR C 74 -2.60 -11.20 13.63
CA TYR C 74 -3.77 -12.04 13.56
C TYR C 74 -4.12 -12.40 12.11
N VAL C 75 -4.60 -13.63 11.90
CA VAL C 75 -5.14 -14.07 10.63
C VAL C 75 -6.61 -13.69 10.54
N GLY C 76 -7.02 -13.15 9.38
CA GLY C 76 -8.43 -12.96 9.11
C GLY C 76 -9.02 -11.67 9.64
N LEU C 77 -8.34 -10.97 10.53
CA LEU C 77 -8.81 -9.71 11.07
C LEU C 77 -8.43 -8.59 10.10
N ALA C 78 -9.38 -7.72 9.78
CA ALA C 78 -9.10 -6.61 8.87
C ALA C 78 -7.90 -5.82 9.36
N ALA C 79 -7.00 -5.51 8.44
CA ALA C 79 -5.80 -4.76 8.80
C ALA C 79 -6.13 -3.40 9.39
N ASP C 80 -7.21 -2.76 8.93
CA ASP C 80 -7.58 -1.47 9.50
C ASP C 80 -8.42 -1.60 10.76
N HIS C 81 -8.65 -2.81 11.26
CA HIS C 81 -9.27 -2.97 12.56
C HIS C 81 -8.36 -2.33 13.62
N PRO C 82 -8.92 -1.58 14.56
CA PRO C 82 -8.07 -0.91 15.57
C PRO C 82 -7.26 -1.86 16.42
N GLU C 83 -7.63 -3.13 16.52
CA GLU C 83 -6.85 -4.08 17.30
C GLU C 83 -6.03 -5.04 16.43
N SER C 84 -5.96 -4.81 15.12
CA SER C 84 -4.90 -5.48 14.37
C SER C 84 -3.55 -5.06 14.92
N TYR C 85 -2.57 -5.95 14.79
CA TYR C 85 -1.25 -5.61 15.32
C TYR C 85 -0.59 -4.52 14.49
N ARG C 86 -0.94 -4.43 13.20
CA ARG C 86 -0.52 -3.29 12.39
C ARG C 86 -1.04 -1.98 12.98
N SER C 87 -2.35 -1.92 13.26
CA SER C 87 -2.92 -0.71 13.84
C SER C 87 -2.29 -0.38 15.18
N PHE C 88 -2.10 -1.40 16.03
CA PHE C 88 -1.42 -1.21 17.31
C PHE C 88 -0.07 -0.53 17.13
N MET C 89 0.74 -1.05 16.20
CA MET C 89 2.11 -0.54 16.08
C MET C 89 2.13 0.88 15.55
N TYR C 90 1.31 1.20 14.54
CA TYR C 90 1.30 2.57 14.04
C TYR C 90 0.76 3.54 15.07
N ASN C 91 -0.35 3.19 15.73
CA ASN C 91 -1.00 4.13 16.64
C ASN C 91 -0.19 4.34 17.91
N ASN C 92 0.44 3.28 18.42
CA ASN C 92 1.16 3.37 19.69
C ASN C 92 2.64 3.68 19.52
N PHE C 93 3.20 3.60 18.31
CA PHE C 93 4.65 3.76 18.18
C PHE C 93 5.06 4.46 16.90
N PHE C 94 4.80 3.85 15.74
CA PHE C 94 5.36 4.35 14.48
C PHE C 94 4.94 5.78 14.19
N ASN C 95 3.67 6.12 14.45
CA ASN C 95 3.20 7.47 14.14
C ASN C 95 3.82 8.54 15.01
N HIS C 96 4.64 8.17 16.00
CA HIS C 96 5.17 9.12 16.96
C HIS C 96 6.68 9.22 16.95
N ILE C 97 7.35 8.55 16.01
CA ILE C 97 8.81 8.52 15.94
C ILE C 97 9.23 8.75 14.49
N ASP C 98 10.53 8.98 14.31
CA ASP C 98 11.06 9.28 12.97
C ASP C 98 11.48 8.03 12.21
N ILE C 99 10.72 6.95 12.38
CA ILE C 99 10.97 5.72 11.61
C ILE C 99 10.53 5.93 10.17
N GLN C 100 11.21 5.24 9.25
CA GLN C 100 10.93 5.35 7.83
C GLN C 100 10.02 4.20 7.38
N GLU C 101 9.05 4.54 6.54
CA GLU C 101 8.05 3.55 6.13
C GLU C 101 8.70 2.33 5.48
N GLU C 102 9.74 2.54 4.67
CA GLU C 102 10.42 1.42 4.00
C GLU C 102 11.11 0.50 4.99
N ASN C 103 11.36 0.95 6.21
CA ASN C 103 12.08 0.17 7.22
C ASN C 103 11.14 -0.57 8.17
N ILE C 104 9.83 -0.47 8.00
CA ILE C 104 8.86 -1.16 8.84
C ILE C 104 8.51 -2.49 8.18
N ASN C 105 8.53 -3.57 8.97
CA ASN C 105 8.15 -4.88 8.46
C ASN C 105 7.09 -5.49 9.37
N LEU C 106 6.01 -5.95 8.75
CA LEU C 106 4.87 -6.52 9.46
C LEU C 106 4.39 -7.74 8.70
N LEU C 107 3.86 -8.72 9.43
CA LEU C 107 3.21 -9.86 8.80
C LEU C 107 1.81 -9.47 8.32
N ASN C 108 1.46 -9.94 7.12
CA ASN C 108 0.13 -9.71 6.55
C ASN C 108 -0.70 -10.96 6.80
N GLY C 109 -1.68 -10.86 7.69
CA GLY C 109 -2.52 -11.99 8.03
C GLY C 109 -3.68 -12.25 7.09
N ASN C 110 -3.76 -11.52 5.98
CA ASN C 110 -4.93 -11.59 5.10
C ASN C 110 -4.55 -11.92 3.65
N THR C 111 -3.38 -12.50 3.41
CA THR C 111 -3.09 -12.90 2.04
C THR C 111 -3.79 -14.21 1.71
N ASP C 112 -3.72 -14.61 0.44
CA ASP C 112 -4.29 -15.87 -0.01
C ASP C 112 -3.34 -17.05 0.17
N ASP C 113 -2.21 -16.85 0.85
CA ASP C 113 -1.18 -17.88 0.95
C ASP C 113 -0.33 -17.57 2.19
N HIS C 114 -0.77 -18.09 3.34
CA HIS C 114 -0.05 -17.84 4.58
C HIS C 114 1.40 -18.34 4.50
N GLU C 115 1.60 -19.51 3.89
CA GLU C 115 2.95 -20.06 3.82
C GLU C 115 3.87 -19.16 3.02
N ALA C 116 3.39 -18.60 1.91
CA ALA C 116 4.21 -17.70 1.11
C ALA C 116 4.52 -16.42 1.87
N GLU C 117 3.53 -15.89 2.61
CA GLU C 117 3.76 -14.67 3.38
C GLU C 117 4.79 -14.91 4.48
N CYS C 118 4.71 -16.05 5.16
CA CYS C 118 5.68 -16.36 6.20
C CYS C 118 7.08 -16.54 5.64
N LYS C 119 7.20 -17.18 4.46
CA LYS C 119 8.51 -17.31 3.83
C LYS C 119 9.04 -15.95 3.38
N ARG C 120 8.17 -15.10 2.83
CA ARG C 120 8.57 -13.74 2.47
C ARG C 120 9.16 -13.03 3.69
N TYR C 121 8.54 -13.21 4.85
CA TYR C 121 8.99 -12.53 6.06
C TYR C 121 10.36 -13.04 6.50
N GLU C 122 10.53 -14.37 6.52
CA GLU C 122 11.83 -14.95 6.85
C GLU C 122 12.91 -14.48 5.88
N ASP C 123 12.58 -14.42 4.58
CA ASP C 123 13.54 -13.94 3.61
C ASP C 123 13.92 -12.48 3.86
N LYS C 124 12.95 -11.66 4.26
CA LYS C 124 13.25 -10.25 4.53
C LYS C 124 14.14 -10.09 5.75
N ILE C 125 13.89 -10.88 6.80
CA ILE C 125 14.82 -10.86 7.95
C ILE C 125 16.22 -11.23 7.48
N LYS C 126 16.34 -12.30 6.70
CA LYS C 126 17.64 -12.77 6.27
C LYS C 126 18.36 -11.73 5.41
N SER C 127 17.61 -10.88 4.70
CA SER C 127 18.26 -9.88 3.85
C SER C 127 19.04 -8.85 4.67
N TYR C 128 18.75 -8.73 5.97
CA TYR C 128 19.49 -7.88 6.88
C TYR C 128 20.52 -8.63 7.70
N GLY C 129 20.70 -9.92 7.44
CA GLY C 129 21.62 -10.72 8.21
C GLY C 129 20.98 -11.25 9.48
N LYS C 130 20.86 -10.39 10.48
CA LYS C 130 20.33 -10.78 11.79
C LYS C 130 19.51 -9.63 12.38
N ILE C 131 18.56 -10.00 13.23
CA ILE C 131 17.93 -9.03 14.12
C ILE C 131 18.88 -8.77 15.28
N ASN C 132 19.13 -7.50 15.58
CA ASN C 132 20.11 -7.18 16.60
C ASN C 132 19.53 -7.28 18.01
N LEU C 133 18.27 -6.92 18.18
CA LEU C 133 17.61 -7.00 19.48
C LEU C 133 16.14 -7.29 19.23
N PHE C 134 15.63 -8.36 19.85
CA PHE C 134 14.22 -8.72 19.72
C PHE C 134 13.56 -8.61 21.08
N MET C 135 12.63 -7.66 21.19
CA MET C 135 11.83 -7.50 22.39
C MET C 135 10.55 -8.31 22.26
N GLY C 136 10.16 -8.98 23.35
CA GLY C 136 8.93 -9.75 23.38
C GLY C 136 8.25 -9.65 24.74
N GLY C 137 7.06 -10.23 24.80
CA GLY C 137 6.41 -10.55 26.05
C GLY C 137 6.35 -12.05 26.27
N VAL C 138 5.51 -12.45 27.21
CA VAL C 138 5.29 -13.88 27.43
C VAL C 138 3.81 -14.10 27.67
N GLY C 139 3.28 -15.19 27.11
CA GLY C 139 1.88 -15.52 27.36
C GLY C 139 1.69 -16.08 28.76
N ASN C 140 0.43 -16.03 29.24
CA ASN C 140 0.09 -16.74 30.47
C ASN C 140 0.56 -18.19 30.41
N ASP C 141 0.45 -18.80 29.22
CA ASP C 141 0.80 -20.21 29.02
C ASP C 141 2.26 -20.41 28.62
N GLY C 142 3.09 -19.37 28.74
CA GLY C 142 4.50 -19.51 28.48
C GLY C 142 4.96 -19.18 27.07
N HIS C 143 4.04 -18.83 26.16
CA HIS C 143 4.48 -18.64 24.79
C HIS C 143 5.35 -17.41 24.62
N ILE C 144 6.31 -17.51 23.69
N ILE C 144 6.30 -17.50 23.70
CA ILE C 144 6.99 -16.35 23.13
CA ILE C 144 6.95 -16.32 23.14
C ILE C 144 6.52 -16.23 21.67
C ILE C 144 6.52 -16.22 21.69
N ALA C 145 6.33 -14.99 21.22
CA ALA C 145 5.54 -14.71 20.01
C ALA C 145 4.22 -15.48 20.19
N PHE C 146 3.73 -16.18 19.17
CA PHE C 146 2.57 -17.04 19.40
C PHE C 146 2.95 -18.51 19.27
N ASN C 147 4.13 -18.86 19.78
CA ASN C 147 4.56 -20.26 19.82
C ASN C 147 3.91 -20.91 21.04
N GLU C 148 2.67 -21.34 20.83
CA GLU C 148 1.83 -21.89 21.89
C GLU C 148 2.39 -23.21 22.39
N PRO C 149 1.92 -23.69 23.55
CA PRO C 149 2.42 -24.97 24.07
C PRO C 149 2.45 -26.06 23.02
N ALA C 150 3.51 -26.87 23.07
CA ALA C 150 3.83 -27.94 22.11
C ALA C 150 4.23 -27.40 20.74
N SER C 151 4.78 -26.18 20.68
CA SER C 151 5.46 -25.71 19.48
C SER C 151 6.84 -26.31 19.39
N SER C 152 7.30 -26.55 18.16
CA SER C 152 8.68 -26.93 17.95
C SER C 152 9.64 -25.85 18.48
N LEU C 153 10.67 -26.28 19.20
CA LEU C 153 11.68 -25.35 19.70
C LEU C 153 12.66 -24.92 18.62
N SER C 154 12.52 -25.42 17.39
CA SER C 154 13.30 -24.91 16.26
C SER C 154 12.40 -24.41 15.14
N SER C 155 11.17 -24.03 15.47
CA SER C 155 10.20 -23.60 14.47
C SER C 155 10.63 -22.31 13.77
N ARG C 156 10.14 -22.15 12.54
CA ARG C 156 10.26 -20.91 11.79
C ARG C 156 8.90 -20.21 11.77
N THR C 157 8.78 -19.15 10.97
CA THR C 157 7.55 -18.39 10.89
C THR C 157 6.45 -19.21 10.22
N ARG C 158 5.27 -19.24 10.82
CA ARG C 158 4.18 -20.06 10.31
C ARG C 158 2.88 -19.62 10.98
N ILE C 159 1.77 -20.13 10.44
CA ILE C 159 0.47 -19.96 11.09
C ILE C 159 0.39 -20.88 12.31
N LYS C 160 -0.21 -20.36 13.39
CA LYS C 160 -0.42 -21.12 14.62
C LYS C 160 -1.86 -20.91 15.10
N THR C 161 -2.39 -21.93 15.77
CA THR C 161 -3.71 -21.86 16.38
C THR C 161 -3.59 -21.31 17.81
N LEU C 162 -4.28 -20.22 18.10
CA LEU C 162 -4.21 -19.65 19.44
C LEU C 162 -4.97 -20.50 20.43
N THR C 163 -4.39 -20.68 21.62
CA THR C 163 -5.09 -21.42 22.67
C THR C 163 -6.25 -20.62 23.23
N GLU C 164 -7.20 -21.33 23.83
N GLU C 164 -7.18 -21.32 23.87
CA GLU C 164 -8.29 -20.65 24.51
CA GLU C 164 -8.28 -20.62 24.49
C GLU C 164 -7.74 -19.70 25.57
C GLU C 164 -7.80 -19.74 25.64
N ASP C 165 -6.72 -20.14 26.31
CA ASP C 165 -6.15 -19.27 27.34
C ASP C 165 -5.65 -17.96 26.75
N THR C 166 -4.96 -18.02 25.61
CA THR C 166 -4.50 -16.80 24.95
C THR C 166 -5.67 -15.95 24.47
N ARG C 167 -6.69 -16.59 23.90
CA ARG C 167 -7.81 -15.82 23.37
C ARG C 167 -8.63 -15.18 24.50
N ILE C 168 -8.79 -15.87 25.63
CA ILE C 168 -9.42 -15.25 26.79
C ILE C 168 -8.63 -14.04 27.26
N ALA C 169 -7.31 -14.18 27.37
CA ALA C 169 -6.48 -13.04 27.78
C ALA C 169 -6.64 -11.88 26.80
N ASN C 170 -6.55 -12.15 25.50
CA ASN C 170 -6.58 -11.07 24.53
C ASN C 170 -7.97 -10.49 24.32
N SER C 171 -9.01 -11.16 24.79
CA SER C 171 -10.36 -10.64 24.64
C SER C 171 -10.57 -9.33 25.38
N ARG C 172 -9.69 -8.99 26.33
CA ARG C 172 -9.79 -7.69 26.99
C ARG C 172 -9.63 -6.55 26.00
N PHE C 173 -9.01 -6.79 24.85
CA PHE C 173 -8.89 -5.78 23.82
C PHE C 173 -10.05 -5.80 22.85
N PHE C 174 -10.99 -6.73 23.03
CA PHE C 174 -12.17 -6.81 22.18
C PHE C 174 -13.42 -6.71 23.03
N ASP C 175 -13.47 -5.73 23.93
CA ASP C 175 -14.64 -5.49 24.78
C ASP C 175 -14.99 -6.70 25.63
N GLY C 176 -13.99 -7.53 25.93
CA GLY C 176 -14.19 -8.72 26.73
C GLY C 176 -14.84 -9.88 26.02
N ASP C 177 -14.95 -9.84 24.70
CA ASP C 177 -15.74 -10.81 23.93
C ASP C 177 -14.80 -11.77 23.22
N ILE C 178 -14.73 -13.01 23.73
CA ILE C 178 -13.78 -13.97 23.15
C ILE C 178 -14.14 -14.28 21.70
N ASN C 179 -15.42 -14.18 21.34
CA ASN C 179 -15.83 -14.48 19.97
C ASN C 179 -15.23 -13.54 18.95
N GLN C 180 -14.80 -12.35 19.37
CA GLN C 180 -14.17 -11.41 18.45
C GLN C 180 -12.67 -11.63 18.33
N VAL C 181 -12.06 -12.44 19.18
CA VAL C 181 -10.62 -12.67 19.10
C VAL C 181 -10.34 -13.66 17.98
N PRO C 182 -9.43 -13.36 17.06
CA PRO C 182 -9.13 -14.31 15.98
C PRO C 182 -8.62 -15.63 16.53
N LYS C 183 -8.85 -16.69 15.74
CA LYS C 183 -8.44 -18.02 16.16
C LYS C 183 -7.04 -18.39 15.74
N TYR C 184 -6.47 -17.70 14.75
CA TYR C 184 -5.16 -18.03 14.21
C TYR C 184 -4.32 -16.76 14.08
N ALA C 185 -3.01 -16.96 14.07
CA ALA C 185 -2.07 -15.87 13.88
C ALA C 185 -0.88 -16.38 13.08
N LEU C 186 -0.27 -15.47 12.32
CA LEU C 186 1.04 -15.73 11.74
C LEU C 186 2.07 -15.29 12.76
N THR C 187 3.05 -16.14 13.04
CA THR C 187 4.01 -15.81 14.08
C THR C 187 5.40 -16.28 13.70
N ILE C 188 6.41 -15.48 14.05
CA ILE C 188 7.78 -15.97 13.97
C ILE C 188 7.91 -17.20 14.87
N GLY C 189 8.85 -18.07 14.52
CA GLY C 189 9.06 -19.29 15.28
C GLY C 189 10.02 -19.13 16.43
N VAL C 190 10.11 -20.18 17.24
CA VAL C 190 11.10 -20.19 18.30
C VAL C 190 12.50 -20.12 17.72
N GLY C 191 12.76 -20.88 16.65
CA GLY C 191 14.04 -20.77 15.95
C GLY C 191 14.28 -19.38 15.38
N THR C 192 13.26 -18.77 14.79
CA THR C 192 13.38 -17.40 14.27
C THR C 192 13.83 -16.45 15.39
N LEU C 193 13.18 -16.55 16.56
CA LEU C 193 13.53 -15.69 17.67
C LEU C 193 14.95 -15.96 18.16
N LEU C 194 15.33 -17.24 18.27
CA LEU C 194 16.65 -17.59 18.76
C LEU C 194 17.76 -17.11 17.82
N ASP C 195 17.44 -16.81 16.57
CA ASP C 195 18.44 -16.30 15.63
C ASP C 195 18.81 -14.85 15.90
N ALA C 196 18.03 -14.13 16.71
CA ALA C 196 18.37 -12.76 17.04
C ALA C 196 19.65 -12.71 17.87
N GLN C 197 20.38 -11.58 17.77
CA GLN C 197 21.61 -11.45 18.55
C GLN C 197 21.33 -11.32 20.03
N GLU C 198 20.19 -10.74 20.40
CA GLU C 198 19.82 -10.52 21.78
C GLU C 198 18.30 -10.57 21.88
N ILE C 199 17.80 -11.16 22.98
CA ILE C 199 16.37 -11.26 23.22
C ILE C 199 16.07 -10.64 24.58
N MET C 200 15.06 -9.77 24.62
CA MET C 200 14.62 -9.13 25.86
C MET C 200 13.13 -9.38 26.04
N ILE C 201 12.77 -10.16 27.06
CA ILE C 201 11.38 -10.53 27.31
C ILE C 201 10.91 -9.75 28.52
N LEU C 202 9.80 -9.00 28.36
CA LEU C 202 9.20 -8.24 29.45
C LEU C 202 8.10 -9.08 30.09
N VAL C 203 8.09 -9.13 31.43
CA VAL C 203 7.16 -9.99 32.16
C VAL C 203 6.58 -9.21 33.34
N THR C 204 5.29 -8.88 33.28
CA THR C 204 4.67 -8.13 34.36
C THR C 204 3.33 -8.75 34.74
N GLY C 205 3.07 -8.79 36.04
CA GLY C 205 1.78 -9.15 36.58
C GLY C 205 1.72 -10.57 37.09
N HIS C 206 0.83 -10.78 38.07
CA HIS C 206 0.60 -12.09 38.66
C HIS C 206 0.21 -13.15 37.63
N ASN C 207 -0.52 -12.74 36.58
N ASN C 207 -0.52 -12.77 36.58
CA ASN C 207 -0.95 -13.69 35.55
CA ASN C 207 -0.96 -13.79 35.64
C ASN C 207 0.21 -14.42 34.90
C ASN C 207 0.18 -14.35 34.78
N LYS C 208 1.40 -13.81 34.89
CA LYS C 208 2.57 -14.37 34.22
C LYS C 208 3.47 -15.13 35.18
N ALA C 209 3.05 -15.32 36.44
CA ALA C 209 3.97 -15.90 37.43
C ALA C 209 4.32 -17.35 37.11
N LEU C 210 3.36 -18.14 36.62
CA LEU C 210 3.69 -19.53 36.26
C LEU C 210 4.63 -19.58 35.06
N ALA C 211 4.42 -18.69 34.08
CA ALA C 211 5.32 -18.61 32.94
C ALA C 211 6.72 -18.21 33.36
N LEU C 212 6.84 -17.26 34.30
CA LEU C 212 8.17 -16.86 34.75
C LEU C 212 8.86 -17.99 35.50
N GLN C 213 8.10 -18.73 36.31
CA GLN C 213 8.68 -19.92 36.96
C GLN C 213 9.19 -20.92 35.93
N ALA C 214 8.40 -21.17 34.89
CA ALA C 214 8.85 -22.09 33.84
C ALA C 214 10.10 -21.58 33.14
N ALA C 215 10.16 -20.26 32.90
CA ALA C 215 11.29 -19.70 32.18
C ALA C 215 12.58 -19.79 32.99
N VAL C 216 12.52 -19.57 34.30
CA VAL C 216 13.70 -19.38 35.14
C VAL C 216 14.06 -20.64 35.90
N GLU C 217 13.07 -21.30 36.51
CA GLU C 217 13.35 -22.48 37.34
C GLU C 217 13.08 -23.79 36.62
N GLY C 218 12.28 -23.79 35.57
CA GLY C 218 11.97 -25.02 34.86
C GLY C 218 13.06 -25.40 33.87
N SER C 219 12.88 -26.57 33.26
CA SER C 219 13.82 -27.07 32.28
C SER C 219 13.33 -26.74 30.87
N VAL C 220 14.18 -27.00 29.88
CA VAL C 220 13.84 -26.74 28.49
C VAL C 220 12.73 -27.69 28.05
N ASN C 221 11.64 -27.12 27.54
CA ASN C 221 10.51 -27.95 27.11
C ASN C 221 9.59 -27.17 26.20
N HIS C 222 8.86 -27.91 25.37
CA HIS C 222 8.04 -27.27 24.34
C HIS C 222 6.68 -26.81 24.84
N LEU C 223 6.29 -27.13 26.09
CA LEU C 223 5.03 -26.61 26.60
C LEU C 223 5.14 -25.15 27.01
N TRP C 224 6.30 -24.72 27.50
CA TRP C 224 6.55 -23.34 27.89
C TRP C 224 7.68 -22.86 26.99
N THR C 225 7.35 -22.31 25.82
CA THR C 225 8.42 -22.05 24.86
C THR C 225 9.34 -20.93 25.32
N VAL C 226 8.92 -20.10 26.28
CA VAL C 226 9.86 -19.17 26.91
C VAL C 226 11.08 -19.88 27.50
N SER C 227 10.96 -21.17 27.84
CA SER C 227 12.13 -21.89 28.35
C SER C 227 13.25 -22.00 27.32
N ALA C 228 12.97 -21.80 26.04
CA ALA C 228 14.02 -21.86 25.03
C ALA C 228 15.07 -20.77 25.22
N LEU C 229 14.74 -19.71 25.97
CA LEU C 229 15.74 -18.66 26.19
C LEU C 229 16.99 -19.20 26.88
N GLN C 230 16.84 -20.30 27.64
CA GLN C 230 18.00 -20.89 28.31
C GLN C 230 19.06 -21.34 27.32
N LEU C 231 18.67 -21.59 26.07
CA LEU C 231 19.58 -22.01 25.01
C LEU C 231 20.27 -20.85 24.31
N HIS C 232 19.81 -19.60 24.56
CA HIS C 232 20.25 -18.44 23.79
C HIS C 232 21.49 -17.79 24.43
N PRO C 233 22.44 -17.28 23.64
CA PRO C 233 23.65 -16.71 24.25
C PRO C 233 23.43 -15.36 24.93
N LYS C 234 22.35 -14.64 24.62
CA LYS C 234 22.19 -13.30 25.19
C LYS C 234 20.70 -13.01 25.39
N ALA C 235 20.13 -13.60 26.43
CA ALA C 235 18.73 -13.42 26.78
C ALA C 235 18.60 -12.62 28.06
N VAL C 236 17.63 -11.71 28.07
N VAL C 236 17.62 -11.72 28.11
CA VAL C 236 17.31 -10.87 29.23
CA VAL C 236 17.37 -10.92 29.31
C VAL C 236 15.83 -11.00 29.51
C VAL C 236 15.88 -10.86 29.56
N ILE C 237 15.48 -11.23 30.78
CA ILE C 237 14.09 -11.17 31.22
C ILE C 237 14.00 -10.01 32.20
N VAL C 238 13.06 -9.10 31.96
CA VAL C 238 12.82 -7.93 32.80
C VAL C 238 11.44 -8.12 33.43
N CYS C 239 11.38 -8.17 34.76
CA CYS C 239 10.13 -8.56 35.39
C CYS C 239 9.79 -7.65 36.58
N ASP C 240 8.53 -7.67 36.99
CA ASP C 240 8.09 -6.93 38.16
C ASP C 240 7.77 -7.88 39.31
N GLU C 241 7.54 -7.30 40.49
CA GLU C 241 7.35 -8.14 41.68
C GLU C 241 6.13 -9.05 41.58
N PRO C 242 4.96 -8.59 41.10
CA PRO C 242 3.83 -9.53 40.95
C PRO C 242 4.17 -10.75 40.10
N SER C 243 5.02 -10.62 39.08
CA SER C 243 5.32 -11.77 38.24
C SER C 243 6.21 -12.80 38.93
N THR C 244 6.79 -12.49 40.10
CA THR C 244 7.71 -13.40 40.77
C THR C 244 7.04 -14.31 41.78
N GLN C 245 5.70 -14.30 41.88
CA GLN C 245 5.03 -14.94 43.01
C GLN C 245 5.28 -16.45 43.08
N GLU C 246 5.52 -17.11 41.95
CA GLU C 246 5.74 -18.56 41.97
C GLU C 246 7.20 -18.95 42.06
N LEU C 247 8.12 -17.99 42.03
CA LEU C 247 9.54 -18.28 42.20
C LEU C 247 9.86 -18.54 43.66
N LYS C 248 10.96 -19.26 43.90
CA LYS C 248 11.50 -19.36 45.24
C LYS C 248 12.10 -18.03 45.68
N VAL C 249 12.02 -17.77 46.99
CA VAL C 249 12.67 -16.59 47.57
C VAL C 249 14.13 -16.52 47.15
N LYS C 250 14.84 -17.66 47.20
CA LYS C 250 16.26 -17.64 46.85
C LYS C 250 16.48 -17.29 45.39
N THR C 251 15.54 -17.60 44.51
CA THR C 251 15.70 -17.25 43.11
C THR C 251 15.65 -15.74 42.92
N VAL C 252 14.67 -15.09 43.54
CA VAL C 252 14.61 -13.63 43.45
C VAL C 252 15.83 -13.00 44.09
N LYS C 253 16.25 -13.52 45.26
N LYS C 253 16.24 -13.52 45.25
CA LYS C 253 17.42 -12.96 45.92
CA LYS C 253 17.42 -12.97 45.93
C LYS C 253 18.68 -13.12 45.07
C LYS C 253 18.67 -13.13 45.08
N TYR C 254 18.82 -14.28 44.42
CA TYR C 254 19.97 -14.54 43.55
C TYR C 254 20.15 -13.44 42.51
N PHE C 255 19.09 -13.17 41.75
CA PHE C 255 19.19 -12.18 40.68
C PHE C 255 19.22 -10.75 41.22
N THR C 256 18.53 -10.48 42.34
CA THR C 256 18.59 -9.15 42.92
C THR C 256 20.00 -8.80 43.35
N GLU C 257 20.71 -9.75 43.96
CA GLU C 257 22.09 -9.48 44.37
C GLU C 257 23.02 -9.39 43.17
N LEU C 258 22.78 -10.18 42.12
CA LEU C 258 23.61 -10.11 40.92
C LEU C 258 23.49 -8.75 40.23
N GLU C 259 22.25 -8.21 40.16
N GLU C 259 22.25 -8.29 40.03
CA GLU C 259 21.93 -7.05 39.36
CA GLU C 259 22.08 -6.99 39.42
C GLU C 259 21.75 -5.77 40.18
C GLU C 259 22.59 -5.87 40.32
N ALA C 260 22.37 -5.69 41.37
N ALA C 260 22.88 -6.16 41.59
CA ALA C 260 22.12 -4.60 42.29
CA ALA C 260 23.46 -5.20 42.51
C ALA C 260 22.36 -3.23 41.66
C ALA C 260 24.98 -5.16 42.47
N LYS C 261 23.53 -3.01 41.06
N LYS C 261 25.63 -6.27 42.12
CA LYS C 261 23.83 -1.68 40.56
CA LYS C 261 27.09 -6.31 42.07
C LYS C 261 23.07 -1.33 39.29
C LYS C 261 27.64 -5.57 40.85
N ASN C 262 22.45 -2.31 38.63
N ASN C 262 26.91 -5.58 39.74
CA ASN C 262 21.72 -2.07 37.39
CA ASN C 262 27.34 -4.91 38.52
C ASN C 262 20.25 -1.72 37.62
C ASN C 262 26.73 -3.52 38.41
N ILE C 263 19.75 -1.87 38.84
CA ILE C 263 18.33 -1.64 39.12
C ILE C 263 18.09 -0.46 40.05
N VAL C 264 19.15 0.11 40.64
N VAL C 264 23.27 -0.81 38.54
CA VAL C 264 19.03 1.25 41.56
CA VAL C 264 22.49 -0.18 37.48
C VAL C 264 18.32 2.41 40.88
C VAL C 264 21.41 0.70 38.11
N GLY C 265 18.88 2.88 39.76
N GLY C 265 21.06 1.77 37.41
CA GLY C 265 18.31 4.03 39.09
CA GLY C 265 20.03 2.69 37.85
C GLY C 265 16.89 3.82 38.64
C GLY C 265 19.66 3.61 36.70
N PHE C 266 16.42 2.57 38.63
N PHE C 266 18.41 4.03 36.64
CA PHE C 266 15.11 2.23 38.10
CA PHE C 266 17.89 4.70 35.45
C PHE C 266 14.15 1.83 39.20
C PHE C 266 16.91 5.82 35.80
N MET D 1 23.92 12.08 58.84
CA MET D 1 22.67 12.09 58.06
C MET D 1 22.66 11.00 57.00
N ARG D 2 21.48 10.69 56.48
CA ARG D 2 21.38 9.89 55.27
C ARG D 2 21.04 10.79 54.10
N LEU D 3 21.71 10.56 52.97
N LEU D 3 21.70 10.55 52.96
CA LEU D 3 21.29 11.14 51.70
CA LEU D 3 21.32 11.16 51.69
C LEU D 3 20.89 10.01 50.79
C LEU D 3 20.92 10.03 50.74
N ILE D 4 19.68 10.09 50.25
CA ILE D 4 19.14 9.06 49.37
C ILE D 4 19.21 9.58 47.94
N PRO D 5 20.17 9.14 47.13
CA PRO D 5 20.30 9.71 45.80
C PRO D 5 19.51 8.91 44.77
N LEU D 6 18.37 9.41 44.37
CA LEU D 6 17.52 8.76 43.38
C LEU D 6 17.64 9.50 42.05
N LYS D 7 17.12 8.88 40.99
CA LYS D 7 17.27 9.47 39.67
C LYS D 7 16.24 10.59 39.44
N ALA D 8 14.97 10.32 39.72
CA ALA D 8 13.89 11.19 39.27
C ALA D 8 13.02 11.63 40.43
N ALA D 9 12.37 12.79 40.24
CA ALA D 9 11.51 13.34 41.29
C ALA D 9 10.38 12.38 41.65
N ALA D 10 9.85 11.63 40.67
CA ALA D 10 8.79 10.67 40.97
C ALA D 10 9.26 9.61 41.95
N GLN D 11 10.54 9.22 41.84
CA GLN D 11 11.09 8.22 42.76
C GLN D 11 11.25 8.80 44.16
N VAL D 12 11.65 10.07 44.23
CA VAL D 12 11.77 10.75 45.52
C VAL D 12 10.44 10.73 46.25
N GLY D 13 9.35 11.05 45.53
CA GLY D 13 8.04 11.05 46.15
C GLY D 13 7.61 9.69 46.65
N LYS D 14 7.92 8.63 45.88
CA LYS D 14 7.54 7.29 46.31
C LYS D 14 8.34 6.85 47.53
N TRP D 15 9.62 7.19 47.57
CA TRP D 15 10.45 6.81 48.72
C TRP D 15 9.99 7.52 49.97
N ALA D 16 9.74 8.83 49.87
CA ALA D 16 9.30 9.60 51.03
C ALA D 16 7.96 9.08 51.55
N ALA D 17 7.04 8.74 50.64
CA ALA D 17 5.76 8.21 51.10
C ALA D 17 5.94 6.88 51.81
N ALA D 18 6.76 6.00 51.25
CA ALA D 18 7.03 4.71 51.88
C ALA D 18 7.67 4.90 53.26
N HIS D 19 8.53 5.92 53.41
CA HIS D 19 9.18 6.16 54.68
C HIS D 19 8.17 6.66 55.71
N ILE D 20 7.27 7.56 55.31
CA ILE D 20 6.22 8.04 56.23
C ILE D 20 5.36 6.88 56.68
N VAL D 21 4.96 6.00 55.74
CA VAL D 21 4.09 4.87 56.10
C VAL D 21 4.83 3.92 57.04
N LYS D 22 6.12 3.68 56.79
CA LYS D 22 6.90 2.82 57.66
C LYS D 22 6.93 3.36 59.08
N ARG D 23 7.20 4.67 59.24
CA ARG D 23 7.25 5.25 60.57
C ARG D 23 5.89 5.18 61.26
N ILE D 24 4.81 5.49 60.54
CA ILE D 24 3.48 5.47 61.16
C ILE D 24 3.14 4.04 61.61
N ASN D 25 3.34 3.07 60.73
CA ASN D 25 2.91 1.71 61.05
C ASN D 25 3.74 1.10 62.17
N GLU D 26 5.04 1.41 62.22
CA GLU D 26 5.86 0.87 63.29
C GLU D 26 5.59 1.58 64.61
N PHE D 27 5.14 2.83 64.57
CA PHE D 27 4.78 3.55 65.78
C PHE D 27 3.51 3.01 66.42
N GLN D 28 2.57 2.53 65.60
CA GLN D 28 1.27 2.00 66.01
C GLN D 28 0.49 3.05 66.78
N PRO D 29 0.04 4.11 66.12
CA PRO D 29 -0.61 5.21 66.83
C PRO D 29 -2.00 4.84 67.34
N THR D 30 -2.38 5.49 68.44
CA THR D 30 -3.69 5.34 69.05
C THR D 30 -4.24 6.72 69.36
N ALA D 31 -5.49 6.76 69.83
CA ALA D 31 -6.05 8.03 70.28
C ALA D 31 -5.22 8.62 71.41
N GLU D 32 -4.76 7.78 72.33
N GLU D 32 -4.81 7.79 72.37
CA GLU D 32 -3.96 8.26 73.46
CA GLU D 32 -4.05 8.29 73.51
C GLU D 32 -2.58 8.72 73.02
C GLU D 32 -2.59 8.55 73.18
N ARG D 33 -1.92 7.95 72.15
N ARG D 33 -2.11 8.10 72.03
CA ARG D 33 -0.57 8.26 71.69
CA ARG D 33 -0.70 8.21 71.67
C ARG D 33 -0.58 8.34 70.16
C ARG D 33 -0.61 8.32 70.15
N PRO D 34 -0.93 9.50 69.61
CA PRO D 34 -0.93 9.66 68.15
C PRO D 34 0.48 9.76 67.60
N PHE D 35 0.60 9.49 66.31
CA PHE D 35 1.81 9.79 65.57
C PHE D 35 1.73 11.24 65.10
N VAL D 36 2.79 12.00 65.33
CA VAL D 36 2.80 13.42 65.04
C VAL D 36 3.71 13.66 63.84
N LEU D 37 3.11 14.18 62.76
CA LEU D 37 3.74 14.28 61.46
C LEU D 37 3.79 15.75 61.05
N GLY D 38 4.99 16.26 60.81
CA GLY D 38 5.16 17.62 60.31
C GLY D 38 5.22 17.62 58.80
N LEU D 39 4.58 18.63 58.20
CA LEU D 39 4.34 18.62 56.75
C LEU D 39 4.66 19.96 56.09
N PRO D 40 5.11 19.91 54.82
CA PRO D 40 5.34 21.16 54.06
C PRO D 40 4.31 21.37 52.95
N THR D 41 4.26 22.58 52.41
CA THR D 41 3.59 22.78 51.13
C THR D 41 4.65 22.96 50.04
N GLY D 42 4.31 23.67 48.97
CA GLY D 42 5.20 23.80 47.83
C GLY D 42 4.96 22.72 46.80
N GLY D 43 5.74 22.80 45.72
CA GLY D 43 5.62 21.83 44.64
C GLY D 43 6.29 20.50 44.95
N THR D 44 7.39 20.51 45.71
CA THR D 44 8.14 19.27 45.91
C THR D 44 7.33 18.14 46.52
N PRO D 45 6.48 18.34 47.54
CA PRO D 45 5.83 17.19 48.19
C PRO D 45 4.59 16.66 47.48
N LEU D 46 4.20 17.23 46.33
CA LEU D 46 2.95 16.83 45.72
C LEU D 46 2.95 15.34 45.35
N ALA D 47 4.05 14.85 44.78
CA ALA D 47 4.13 13.43 44.44
C ALA D 47 4.03 12.55 45.67
N THR D 48 4.60 13.02 46.78
CA THR D 48 4.50 12.27 48.03
C THR D 48 3.07 12.21 48.53
N TYR D 49 2.35 13.35 48.50
CA TYR D 49 0.97 13.36 48.92
C TYR D 49 0.12 12.43 48.04
N LYS D 50 0.33 12.47 46.72
CA LYS D 50 -0.40 11.56 45.84
C LYS D 50 -0.14 10.12 46.21
N ALA D 51 1.11 9.77 46.49
CA ALA D 51 1.44 8.40 46.82
C ALA D 51 0.82 7.99 48.15
N LEU D 52 0.85 8.88 49.15
CA LEU D 52 0.22 8.56 50.43
C LEU D 52 -1.27 8.32 50.29
N ILE D 53 -1.94 9.13 49.46
CA ILE D 53 -3.37 8.92 49.24
C ILE D 53 -3.60 7.56 48.60
N GLU D 54 -2.79 7.21 47.60
CA GLU D 54 -2.93 5.90 46.96
C GLU D 54 -2.68 4.77 47.95
N MET D 55 -1.68 4.92 48.82
CA MET D 55 -1.41 3.88 49.81
C MET D 55 -2.55 3.74 50.80
N HIS D 56 -3.13 4.88 51.23
CA HIS D 56 -4.26 4.82 52.15
C HIS D 56 -5.46 4.15 51.51
N LYS D 57 -5.74 4.48 50.24
CA LYS D 57 -6.89 3.86 49.57
C LYS D 57 -6.67 2.37 49.37
N ALA D 58 -5.42 1.92 49.30
CA ALA D 58 -5.11 0.51 49.21
C ALA D 58 -5.10 -0.17 50.58
N GLY D 59 -5.35 0.56 51.66
CA GLY D 59 -5.38 -0.02 52.98
C GLY D 59 -4.04 -0.22 53.63
N GLU D 60 -2.99 0.43 53.12
CA GLU D 60 -1.64 0.27 53.64
C GLU D 60 -1.34 1.20 54.81
N VAL D 61 -2.17 2.21 55.05
CA VAL D 61 -1.91 3.17 56.12
C VAL D 61 -3.21 3.87 56.46
N SER D 62 -3.39 4.21 57.73
CA SER D 62 -4.51 5.00 58.18
C SER D 62 -3.98 6.24 58.89
N PHE D 63 -4.63 7.38 58.64
CA PHE D 63 -4.30 8.63 59.29
C PHE D 63 -5.27 8.98 60.42
N LYS D 64 -6.10 8.02 60.85
CA LYS D 64 -7.10 8.30 61.87
C LYS D 64 -6.46 8.84 63.15
N HIS D 65 -5.29 8.32 63.51
CA HIS D 65 -4.60 8.74 64.72
C HIS D 65 -3.26 9.40 64.40
N VAL D 66 -3.21 10.13 63.29
CA VAL D 66 -2.06 10.96 62.94
C VAL D 66 -2.43 12.43 63.17
N VAL D 67 -1.59 13.13 63.94
CA VAL D 67 -1.71 14.56 64.18
C VAL D 67 -0.72 15.25 63.27
N THR D 68 -1.15 16.30 62.57
CA THR D 68 -0.24 16.99 61.65
C THR D 68 0.00 18.43 62.10
N PHE D 69 1.21 18.90 61.80
CA PHE D 69 1.60 20.29 61.93
C PHE D 69 2.24 20.73 60.63
N ASN D 70 1.81 21.84 60.07
CA ASN D 70 2.50 22.36 58.90
C ASN D 70 3.62 23.33 59.29
N MET D 71 4.55 23.52 58.35
CA MET D 71 5.72 24.36 58.60
C MET D 71 5.35 25.83 58.69
N ASP D 72 4.38 26.29 57.89
CA ASP D 72 4.24 27.73 57.74
C ASP D 72 2.91 28.08 57.07
N GLU D 73 2.66 29.37 56.99
CA GLU D 73 1.50 29.93 56.31
C GLU D 73 1.81 31.37 55.94
N TYR D 74 1.29 31.81 54.80
CA TYR D 74 1.44 33.20 54.39
C TYR D 74 0.69 34.15 55.34
N VAL D 75 1.31 35.31 55.60
CA VAL D 75 0.64 36.39 56.32
C VAL D 75 -0.19 37.22 55.34
N GLY D 76 -1.41 37.58 55.75
CA GLY D 76 -2.17 38.56 55.01
C GLY D 76 -2.91 38.04 53.79
N LEU D 77 -2.72 36.78 53.43
CA LEU D 77 -3.43 36.17 52.33
C LEU D 77 -4.69 35.50 52.87
N ALA D 78 -5.83 35.77 52.24
CA ALA D 78 -7.08 35.17 52.69
C ALA D 78 -6.94 33.66 52.81
N ALA D 79 -7.40 33.11 53.95
CA ALA D 79 -7.30 31.68 54.16
C ALA D 79 -8.04 30.89 53.08
N ASP D 80 -9.13 31.43 52.55
CA ASP D 80 -9.85 30.75 51.49
C ASP D 80 -9.25 30.98 50.11
N HIS D 81 -8.15 31.72 50.00
CA HIS D 81 -7.45 31.81 48.73
C HIS D 81 -6.96 30.42 48.33
N PRO D 82 -7.10 30.03 47.06
CA PRO D 82 -6.67 28.69 46.65
C PRO D 82 -5.19 28.41 46.84
N GLU D 83 -4.35 29.44 46.97
CA GLU D 83 -2.93 29.23 47.21
C GLU D 83 -2.52 29.52 48.66
N SER D 84 -3.46 29.74 49.57
CA SER D 84 -3.09 29.67 50.97
C SER D 84 -2.57 28.27 51.28
N TYR D 85 -1.70 28.17 52.28
CA TYR D 85 -1.17 26.84 52.59
C TYR D 85 -2.24 25.97 53.22
N ARG D 86 -3.23 26.57 53.89
N ARG D 86 -3.22 26.58 53.90
CA ARG D 86 -4.38 25.81 54.35
CA ARG D 86 -4.39 25.85 54.36
C ARG D 86 -5.15 25.19 53.18
C ARG D 86 -5.14 25.21 53.19
N SER D 87 -5.43 25.99 52.15
CA SER D 87 -6.13 25.46 50.98
C SER D 87 -5.32 24.37 50.31
N PHE D 88 -4.01 24.59 50.17
CA PHE D 88 -3.13 23.58 49.61
C PHE D 88 -3.29 22.25 50.34
N MET D 89 -3.21 22.28 51.67
CA MET D 89 -3.19 21.04 52.44
C MET D 89 -4.52 20.31 52.37
N TYR D 90 -5.64 21.04 52.48
CA TYR D 90 -6.93 20.37 52.40
C TYR D 90 -7.18 19.81 51.00
N ASN D 91 -6.89 20.60 49.96
CA ASN D 91 -7.21 20.17 48.60
C ASN D 91 -6.28 19.05 48.14
N ASN D 92 -5.00 19.11 48.50
CA ASN D 92 -4.05 18.12 48.00
C ASN D 92 -3.87 16.93 48.94
N PHE D 93 -4.37 17.00 50.17
CA PHE D 93 -4.09 15.91 51.10
C PHE D 93 -5.25 15.60 52.04
N PHE D 94 -5.63 16.54 52.91
CA PHE D 94 -6.56 16.23 53.99
C PHE D 94 -7.91 15.73 53.47
N ASN D 95 -8.42 16.34 52.40
CA ASN D 95 -9.73 15.96 51.88
C ASN D 95 -9.75 14.55 51.29
N HIS D 96 -8.60 13.88 51.22
CA HIS D 96 -8.50 12.59 50.53
C HIS D 96 -8.06 11.46 51.45
N ILE D 97 -7.93 11.71 52.75
CA ILE D 97 -7.47 10.71 53.69
C ILE D 97 -8.39 10.73 54.92
N ASP D 98 -8.24 9.72 55.77
CA ASP D 98 -9.10 9.59 56.96
C ASP D 98 -8.53 10.33 58.16
N ILE D 99 -7.91 11.49 57.93
CA ILE D 99 -7.43 12.32 59.03
C ILE D 99 -8.61 12.98 59.73
N GLN D 100 -8.47 13.22 61.03
CA GLN D 100 -9.52 13.84 61.84
C GLN D 100 -9.27 15.33 61.97
N GLU D 101 -10.36 16.11 61.86
CA GLU D 101 -10.23 17.57 61.86
C GLU D 101 -9.55 18.07 63.13
N GLU D 102 -9.86 17.47 64.28
CA GLU D 102 -9.26 17.88 65.54
C GLU D 102 -7.74 17.65 65.57
N ASN D 103 -7.23 16.76 64.73
CA ASN D 103 -5.82 16.41 64.72
C ASN D 103 -5.02 17.23 63.71
N ILE D 104 -5.65 18.15 62.99
CA ILE D 104 -4.96 18.99 62.02
C ILE D 104 -4.53 20.29 62.70
N ASN D 105 -3.28 20.69 62.50
CA ASN D 105 -2.78 21.94 63.05
C ASN D 105 -2.14 22.77 61.96
N LEU D 106 -2.54 24.04 61.88
CA LEU D 106 -2.10 24.98 60.87
C LEU D 106 -1.87 26.33 61.51
N LEU D 107 -0.90 27.07 60.98
CA LEU D 107 -0.70 28.45 61.40
C LEU D 107 -1.75 29.34 60.75
N ASN D 108 -2.27 30.31 61.53
CA ASN D 108 -3.21 31.29 61.04
C ASN D 108 -2.45 32.58 60.76
N GLY D 109 -2.31 32.92 59.47
CA GLY D 109 -1.56 34.10 59.09
C GLY D 109 -2.33 35.40 59.15
N ASN D 110 -3.58 35.35 59.64
CA ASN D 110 -4.46 36.51 59.58
C ASN D 110 -4.99 36.93 60.95
N THR D 111 -4.34 36.56 62.04
CA THR D 111 -4.82 37.05 63.32
C THR D 111 -4.31 38.46 63.57
N ASP D 112 -4.80 39.07 64.64
CA ASP D 112 -4.37 40.41 65.02
C ASP D 112 -3.10 40.41 65.87
N ASP D 113 -2.46 39.24 66.06
CA ASP D 113 -1.30 39.14 66.94
C ASP D 113 -0.48 37.94 66.48
N HIS D 114 0.46 38.18 65.56
CA HIS D 114 1.28 37.10 65.03
C HIS D 114 2.09 36.42 66.14
N GLU D 115 2.64 37.20 67.07
CA GLU D 115 3.43 36.61 68.15
C GLU D 115 2.59 35.64 68.98
N ALA D 116 1.34 36.02 69.30
CA ALA D 116 0.49 35.13 70.09
C ALA D 116 0.15 33.86 69.32
N GLU D 117 -0.11 33.99 68.02
CA GLU D 117 -0.41 32.81 67.21
C GLU D 117 0.79 31.87 67.12
N CYS D 118 1.99 32.43 66.98
CA CYS D 118 3.17 31.58 66.92
C CYS D 118 3.42 30.89 68.25
N LYS D 119 3.16 31.58 69.37
CA LYS D 119 3.31 30.92 70.67
C LYS D 119 2.25 29.85 70.86
N ARG D 120 1.01 30.12 70.46
CA ARG D 120 -0.03 29.11 70.51
C ARG D 120 0.42 27.85 69.78
N TYR D 121 1.06 28.02 68.62
CA TYR D 121 1.48 26.89 67.81
C TYR D 121 2.57 26.10 68.50
N GLU D 122 3.60 26.79 69.02
CA GLU D 122 4.64 26.11 69.78
C GLU D 122 4.06 25.39 71.00
N ASP D 123 3.10 26.02 71.69
CA ASP D 123 2.47 25.36 72.82
C ASP D 123 1.73 24.10 72.40
N LYS D 124 1.08 24.14 71.23
CA LYS D 124 0.33 22.97 70.77
C LYS D 124 1.28 21.83 70.41
N ILE D 125 2.39 22.13 69.74
CA ILE D 125 3.38 21.08 69.49
C ILE D 125 3.85 20.47 70.81
N LYS D 126 4.15 21.30 71.80
N LYS D 126 4.16 21.33 71.78
CA LYS D 126 4.68 20.78 73.04
CA LYS D 126 4.64 20.87 73.08
C LYS D 126 3.63 20.00 73.84
C LYS D 126 3.65 19.95 73.76
N SER D 127 2.35 20.17 73.54
CA SER D 127 1.33 19.36 74.21
C SER D 127 1.35 17.90 73.78
N TYR D 128 1.98 17.61 72.64
CA TYR D 128 2.17 16.24 72.15
C TYR D 128 3.55 15.71 72.46
N GLY D 129 4.37 16.47 73.18
CA GLY D 129 5.73 16.06 73.46
C GLY D 129 6.65 16.44 72.32
N LYS D 130 6.65 15.67 71.25
N LYS D 130 6.64 15.68 71.23
CA LYS D 130 7.53 15.92 70.12
CA LYS D 130 7.54 15.95 70.12
C LYS D 130 6.81 15.57 68.82
C LYS D 130 6.90 15.50 68.82
N ILE D 131 7.30 16.16 67.74
CA ILE D 131 6.94 15.72 66.39
C ILE D 131 7.80 14.50 66.06
N ASN D 132 7.16 13.43 65.58
CA ASN D 132 7.91 12.19 65.37
C ASN D 132 8.65 12.20 64.04
N LEU D 133 8.06 12.79 63.00
CA LEU D 133 8.69 12.89 61.70
C LEU D 133 8.26 14.20 61.08
N PHE D 134 9.22 15.03 60.65
CA PHE D 134 8.94 16.30 60.01
C PHE D 134 9.46 16.26 58.59
N MET D 135 8.56 16.29 57.61
CA MET D 135 8.92 16.37 56.21
C MET D 135 8.99 17.83 55.79
N GLY D 136 9.99 18.15 54.97
CA GLY D 136 10.14 19.50 54.45
C GLY D 136 10.70 19.48 53.05
N GLY D 137 10.74 20.66 52.45
CA GLY D 137 11.51 20.91 51.26
C GLY D 137 12.69 21.82 51.55
N VAL D 138 13.29 22.36 50.50
CA VAL D 138 14.37 23.33 50.67
C VAL D 138 14.17 24.44 49.66
N GLY D 139 14.44 25.68 50.08
CA GLY D 139 14.35 26.79 49.15
C GLY D 139 15.55 26.85 48.22
N ASN D 140 15.38 27.54 47.09
CA ASN D 140 16.54 27.83 46.23
C ASN D 140 17.69 28.42 47.05
N ASP D 141 17.36 29.25 48.04
CA ASP D 141 18.34 29.95 48.85
C ASP D 141 18.73 29.17 50.10
N GLY D 142 18.33 27.89 50.19
CA GLY D 142 18.76 27.06 51.29
C GLY D 142 17.81 26.99 52.48
N HIS D 143 16.68 27.70 52.44
CA HIS D 143 15.86 27.75 53.65
C HIS D 143 15.17 26.41 53.90
N ILE D 144 15.00 26.11 55.19
N ILE D 144 15.00 26.09 55.19
CA ILE D 144 14.04 25.08 55.61
CA ILE D 144 14.04 25.08 55.61
C ILE D 144 12.91 25.81 56.33
C ILE D 144 12.93 25.80 56.34
N ALA D 145 11.69 25.32 56.14
CA ALA D 145 10.46 26.10 56.41
C ALA D 145 10.67 27.46 55.72
N PHE D 146 10.40 28.59 56.36
CA PHE D 146 10.77 29.88 55.78
C PHE D 146 11.86 30.56 56.60
N ASN D 147 12.81 29.76 57.07
CA ASN D 147 13.98 30.30 57.77
C ASN D 147 14.97 30.78 56.73
N GLU D 148 14.72 32.00 56.25
CA GLU D 148 15.48 32.60 55.15
C GLU D 148 16.93 32.86 55.57
N PRO D 149 17.81 33.10 54.60
CA PRO D 149 19.22 33.37 54.93
C PRO D 149 19.35 34.38 56.07
N ALA D 150 20.32 34.11 56.96
CA ALA D 150 20.59 34.87 58.18
C ALA D 150 19.50 34.70 59.23
N SER D 151 18.82 33.54 59.24
CA SER D 151 17.96 33.17 60.35
C SER D 151 18.79 32.60 61.49
N SER D 152 18.33 32.81 62.71
CA SER D 152 18.93 32.13 63.85
C SER D 152 18.81 30.61 63.72
N LEU D 153 19.90 29.90 63.98
CA LEU D 153 19.91 28.44 63.93
C LEU D 153 19.27 27.82 65.16
N SER D 154 18.81 28.63 66.12
CA SER D 154 18.02 28.13 67.24
C SER D 154 16.66 28.85 67.32
N SER D 155 16.19 29.38 66.19
CA SER D 155 14.94 30.13 66.17
C SER D 155 13.74 29.25 66.51
N ARG D 156 12.70 29.91 67.02
CA ARG D 156 11.39 29.32 67.24
C ARG D 156 10.42 29.85 66.18
N THR D 157 9.13 29.53 66.34
CA THR D 157 8.12 29.96 65.37
C THR D 157 7.92 31.48 65.45
N ARG D 158 7.94 32.13 64.29
CA ARG D 158 7.83 33.58 64.25
C ARG D 158 7.48 34.03 62.84
N ILE D 159 7.14 35.32 62.72
CA ILE D 159 7.00 35.92 61.41
C ILE D 159 8.37 36.14 60.78
N LYS D 160 8.47 35.89 59.47
CA LYS D 160 9.68 36.12 58.71
C LYS D 160 9.35 36.85 57.41
N THR D 161 10.31 37.65 56.94
CA THR D 161 10.20 38.33 55.65
C THR D 161 10.75 37.43 54.55
N LEU D 162 9.93 37.15 53.54
CA LEU D 162 10.37 36.30 52.45
C LEU D 162 11.35 37.05 51.54
N THR D 163 12.38 36.34 51.08
CA THR D 163 13.32 36.96 50.15
C THR D 163 12.70 37.11 48.77
N GLU D 164 13.26 38.04 47.99
CA GLU D 164 12.82 38.18 46.61
C GLU D 164 13.00 36.86 45.86
N ASP D 165 14.09 36.14 46.14
CA ASP D 165 14.31 34.87 45.47
C ASP D 165 13.17 33.89 45.75
N THR D 166 12.74 33.82 47.00
CA THR D 166 11.63 32.94 47.37
C THR D 166 10.33 33.39 46.71
N ARG D 167 10.08 34.71 46.70
CA ARG D 167 8.83 35.20 46.14
C ARG D 167 8.80 34.99 44.62
N ILE D 168 9.95 35.14 43.95
CA ILE D 168 10.00 34.85 42.52
C ILE D 168 9.69 33.38 42.27
N ALA D 169 10.31 32.48 43.04
CA ALA D 169 10.03 31.05 42.88
C ALA D 169 8.54 30.76 43.10
N ASN D 170 7.97 31.31 44.17
CA ASN D 170 6.58 30.98 44.50
C ASN D 170 5.58 31.69 43.60
N SER D 171 6.00 32.70 42.85
CA SER D 171 5.07 33.39 41.95
C SER D 171 4.53 32.47 40.87
N ARG D 172 5.16 31.32 40.63
CA ARG D 172 4.62 30.37 39.66
C ARG D 172 3.25 29.86 40.09
N PHE D 173 2.92 29.94 41.37
CA PHE D 173 1.60 29.57 41.85
C PHE D 173 0.62 30.73 41.84
N PHE D 174 1.08 31.92 41.45
CA PHE D 174 0.23 33.08 41.35
C PHE D 174 0.27 33.65 39.94
N ASP D 175 0.11 32.78 38.94
CA ASP D 175 0.07 33.17 37.53
C ASP D 175 1.34 33.91 37.11
N GLY D 176 2.45 33.62 37.78
CA GLY D 176 3.72 34.23 37.47
C GLY D 176 3.89 35.65 37.95
N ASP D 177 2.99 36.15 38.81
CA ASP D 177 2.95 37.55 39.20
C ASP D 177 3.53 37.71 40.60
N ILE D 178 4.74 38.25 40.70
CA ILE D 178 5.38 38.36 42.01
C ILE D 178 4.59 39.30 42.91
N ASN D 179 3.84 40.24 42.33
CA ASN D 179 3.09 41.18 43.17
C ASN D 179 2.00 40.51 43.98
N GLN D 180 1.55 39.32 43.55
CA GLN D 180 0.53 38.60 44.30
C GLN D 180 1.10 37.69 45.37
N VAL D 181 2.42 37.50 45.40
CA VAL D 181 3.03 36.64 46.42
C VAL D 181 3.14 37.42 47.72
N PRO D 182 2.65 36.90 48.84
CA PRO D 182 2.77 37.62 50.11
C PRO D 182 4.21 37.91 50.46
N LYS D 183 4.41 38.97 51.24
CA LYS D 183 5.75 39.38 51.62
C LYS D 183 6.22 38.74 52.92
N TYR D 184 5.31 38.25 53.76
CA TYR D 184 5.65 37.69 55.05
C TYR D 184 4.96 36.35 55.25
N ALA D 185 5.52 35.54 56.13
CA ALA D 185 4.95 34.26 56.49
C ALA D 185 5.21 33.99 57.96
N LEU D 186 4.31 33.25 58.59
CA LEU D 186 4.58 32.67 59.89
C LEU D 186 5.24 31.33 59.65
N THR D 187 6.33 31.07 60.35
CA THR D 187 7.07 29.84 60.08
C THR D 187 7.65 29.27 61.36
N ILE D 188 7.64 27.94 61.46
CA ILE D 188 8.40 27.30 62.53
C ILE D 188 9.86 27.67 62.37
N GLY D 189 10.59 27.66 63.48
CA GLY D 189 11.98 28.02 63.46
C GLY D 189 12.90 26.83 63.18
N VAL D 190 14.19 27.15 63.03
CA VAL D 190 15.19 26.10 62.88
C VAL D 190 15.24 25.26 64.15
N GLY D 191 15.21 25.91 65.32
CA GLY D 191 15.12 25.17 66.57
C GLY D 191 13.86 24.31 66.66
N THR D 192 12.72 24.86 66.22
CA THR D 192 11.48 24.08 66.22
C THR D 192 11.64 22.82 65.39
N LEU D 193 12.21 22.95 64.19
CA LEU D 193 12.40 21.80 63.32
C LEU D 193 13.37 20.79 63.94
N LEU D 194 14.47 21.27 64.52
CA LEU D 194 15.46 20.37 65.10
C LEU D 194 14.91 19.61 66.30
N ASP D 195 13.83 20.09 66.92
CA ASP D 195 13.22 19.36 68.03
C ASP D 195 12.49 18.11 67.59
N ALA D 196 12.24 17.94 66.30
CA ALA D 196 11.57 16.74 65.83
C ALA D 196 12.49 15.52 65.99
N GLN D 197 11.87 14.35 66.16
N GLN D 197 11.87 14.35 66.16
CA GLN D 197 12.67 13.13 66.32
CA GLN D 197 12.64 13.13 66.31
C GLN D 197 13.37 12.76 65.02
C GLN D 197 13.37 12.75 65.03
N GLU D 198 12.79 13.08 63.88
CA GLU D 198 13.37 12.75 62.58
C GLU D 198 12.97 13.83 61.60
N ILE D 199 13.89 14.21 60.71
CA ILE D 199 13.64 15.21 59.68
C ILE D 199 13.92 14.60 58.32
N MET D 200 12.99 14.76 57.39
CA MET D 200 13.14 14.26 56.03
C MET D 200 12.93 15.43 55.07
N ILE D 201 14.00 15.83 54.37
CA ILE D 201 13.95 16.95 53.44
C ILE D 201 13.98 16.40 52.02
N LEU D 202 12.99 16.78 51.21
CA LEU D 202 12.93 16.39 49.81
C LEU D 202 13.56 17.48 48.94
N VAL D 203 14.42 17.08 48.00
CA VAL D 203 15.17 18.03 47.17
C VAL D 203 15.13 17.56 45.72
N THR D 204 14.43 18.30 44.86
CA THR D 204 14.34 17.92 43.45
C THR D 204 14.58 19.12 42.56
N GLY D 205 15.34 18.90 41.50
CA GLY D 205 15.47 19.88 40.44
C GLY D 205 16.77 20.65 40.49
N HIS D 206 17.21 21.11 39.32
CA HIS D 206 18.45 21.87 39.17
C HIS D 206 18.44 23.15 40.00
N ASN D 207 17.26 23.76 40.19
N ASN D 207 17.28 23.77 40.19
CA ASN D 207 17.14 24.99 40.97
CA ASN D 207 17.31 25.03 40.94
C ASN D 207 17.63 24.83 42.40
C ASN D 207 17.54 24.85 42.44
N LYS D 208 17.61 23.61 42.93
CA LYS D 208 17.99 23.33 44.32
C LYS D 208 19.43 22.86 44.45
N ALA D 209 20.21 22.87 43.35
CA ALA D 209 21.53 22.25 43.40
C ALA D 209 22.49 23.00 44.31
N LEU D 210 22.43 24.34 44.33
CA LEU D 210 23.30 25.08 45.25
C LEU D 210 22.91 24.84 46.70
N ALA D 211 21.60 24.78 46.96
CA ALA D 211 21.13 24.46 48.31
C ALA D 211 21.59 23.07 48.75
N LEU D 212 21.53 22.08 47.84
CA LEU D 212 21.97 20.74 48.21
C LEU D 212 23.46 20.71 48.49
N GLN D 213 24.24 21.43 47.68
CA GLN D 213 25.68 21.55 47.94
C GLN D 213 25.92 22.15 49.33
N ALA D 214 25.19 23.21 49.68
CA ALA D 214 25.37 23.80 51.00
C ALA D 214 24.98 22.81 52.11
N ALA D 215 23.92 22.03 51.89
CA ALA D 215 23.45 21.11 52.93
C ALA D 215 24.45 19.99 53.18
N VAL D 216 25.08 19.48 52.12
CA VAL D 216 25.86 18.24 52.19
C VAL D 216 27.35 18.50 52.28
N GLU D 217 27.87 19.40 51.44
CA GLU D 217 29.31 19.66 51.41
C GLU D 217 29.73 20.91 52.19
N GLY D 218 28.81 21.83 52.44
CA GLY D 218 29.15 23.05 53.15
C GLY D 218 29.15 22.85 54.66
N SER D 219 29.54 23.91 55.37
CA SER D 219 29.61 23.88 56.82
C SER D 219 28.34 24.49 57.41
N VAL D 220 28.21 24.37 58.73
CA VAL D 220 27.03 24.90 59.42
C VAL D 220 27.07 26.42 59.37
N ASN D 221 26.01 27.01 58.85
N ASN D 221 26.00 27.02 58.83
CA ASN D 221 25.94 28.46 58.80
CA ASN D 221 25.99 28.46 58.54
C ASN D 221 24.48 28.86 58.77
C ASN D 221 24.56 28.98 58.38
N HIS D 222 24.27 30.16 58.97
CA HIS D 222 22.92 30.69 58.98
C HIS D 222 22.45 31.22 57.63
N LEU D 223 23.32 31.28 56.61
CA LEU D 223 22.84 31.69 55.30
C LEU D 223 22.09 30.56 54.59
N TRP D 224 22.48 29.32 54.82
CA TRP D 224 21.81 28.15 54.23
C TRP D 224 21.29 27.36 55.41
N THR D 225 20.06 27.63 55.86
CA THR D 225 19.65 27.03 57.12
C THR D 225 19.44 25.53 57.01
N VAL D 226 19.32 24.99 55.79
CA VAL D 226 19.35 23.55 55.62
C VAL D 226 20.63 22.94 56.18
N SER D 227 21.71 23.71 56.29
CA SER D 227 22.94 23.16 56.86
C SER D 227 22.77 22.75 58.33
N ALA D 228 21.72 23.25 59.01
CA ALA D 228 21.50 22.86 60.40
C ALA D 228 21.19 21.38 60.55
N LEU D 229 20.79 20.70 59.48
CA LEU D 229 20.51 19.26 59.59
C LEU D 229 21.75 18.50 60.05
N GLN D 230 22.95 19.03 59.77
CA GLN D 230 24.17 18.37 60.21
C GLN D 230 24.22 18.22 61.72
N LEU D 231 23.49 19.05 62.44
CA LEU D 231 23.44 19.02 63.91
C LEU D 231 22.42 18.03 64.45
N HIS D 232 21.53 17.50 63.57
CA HIS D 232 20.38 16.72 64.03
C HIS D 232 20.72 15.23 64.12
N PRO D 233 20.19 14.49 65.09
CA PRO D 233 20.57 13.06 65.22
C PRO D 233 19.96 12.15 64.16
N LYS D 234 18.88 12.57 63.48
N LYS D 234 18.92 12.59 63.44
CA LYS D 234 18.21 11.67 62.51
CA LYS D 234 18.25 11.68 62.52
C LYS D 234 17.65 12.52 61.37
C LYS D 234 17.66 12.48 61.35
N ALA D 235 18.54 12.93 60.47
CA ALA D 235 18.15 13.69 59.28
C ALA D 235 18.33 12.85 58.03
N VAL D 236 17.36 12.97 57.12
CA VAL D 236 17.38 12.29 55.83
C VAL D 236 17.13 13.32 54.74
N ILE D 237 17.97 13.33 53.72
CA ILE D 237 17.74 14.13 52.52
C ILE D 237 17.49 13.15 51.37
N VAL D 238 16.37 13.34 50.67
CA VAL D 238 15.98 12.52 49.54
C VAL D 238 16.04 13.41 48.30
N CYS D 239 16.87 13.05 47.31
CA CYS D 239 17.11 13.98 46.22
C CYS D 239 17.09 13.26 44.87
N ASP D 240 16.94 14.05 43.80
CA ASP D 240 16.99 13.50 42.45
C ASP D 240 18.27 13.95 41.75
N GLU D 241 18.52 13.36 40.58
CA GLU D 241 19.78 13.62 39.89
C GLU D 241 19.96 15.08 39.50
N PRO D 242 18.94 15.79 38.98
CA PRO D 242 19.14 17.22 38.70
C PRO D 242 19.59 18.03 39.90
N SER D 243 19.13 17.68 41.11
CA SER D 243 19.55 18.45 42.28
C SER D 243 21.01 18.25 42.66
N THR D 244 21.69 17.25 42.10
CA THR D 244 23.07 16.94 42.48
C THR D 244 24.12 17.66 41.64
N GLN D 245 23.71 18.57 40.74
CA GLN D 245 24.64 19.07 39.73
C GLN D 245 25.84 19.79 40.32
N GLU D 246 25.71 20.39 41.51
CA GLU D 246 26.82 21.14 42.10
C GLU D 246 27.65 20.31 43.07
N LEU D 247 27.25 19.07 43.36
CA LEU D 247 28.04 18.20 44.20
C LEU D 247 29.23 17.63 43.44
N LYS D 248 30.26 17.22 44.19
CA LYS D 248 31.34 16.45 43.58
C LYS D 248 30.87 15.06 43.21
N VAL D 249 31.46 14.53 42.13
CA VAL D 249 31.22 13.14 41.73
C VAL D 249 31.40 12.19 42.91
N LYS D 250 32.47 12.40 43.69
CA LYS D 250 32.73 11.48 44.81
C LYS D 250 31.64 11.58 45.87
N THR D 251 31.00 12.73 46.01
CA THR D 251 29.94 12.87 47.01
C THR D 251 28.73 12.02 46.61
N VAL D 252 28.32 12.10 45.35
CA VAL D 252 27.20 11.29 44.90
C VAL D 252 27.55 9.80 44.99
N LYS D 253 28.78 9.45 44.59
CA LYS D 253 29.19 8.05 44.64
C LYS D 253 29.23 7.52 46.07
N TYR D 254 29.68 8.34 47.01
CA TYR D 254 29.71 7.97 48.43
C TYR D 254 28.34 7.52 48.91
N PHE D 255 27.33 8.36 48.73
CA PHE D 255 26.00 8.02 49.23
C PHE D 255 25.32 6.95 48.39
N THR D 256 25.58 6.91 47.09
CA THR D 256 25.03 5.86 46.26
C THR D 256 25.51 4.50 46.73
N GLU D 257 26.81 4.39 47.03
CA GLU D 257 27.34 3.12 47.49
C GLU D 257 26.86 2.79 48.90
N LEU D 258 26.70 3.80 49.75
CA LEU D 258 26.19 3.55 51.11
C LEU D 258 24.78 3.00 51.10
N GLU D 259 23.94 3.49 50.15
N GLU D 259 23.88 3.62 50.32
CA GLU D 259 22.50 3.27 50.15
CA GLU D 259 22.56 3.05 50.24
C GLU D 259 22.00 2.34 49.04
C GLU D 259 22.60 1.64 49.66
N ALA D 260 22.89 1.52 48.45
N ALA D 260 23.63 1.34 48.86
CA ALA D 260 22.52 0.74 47.26
CA ALA D 260 23.76 0.02 48.27
C ALA D 260 21.26 -0.10 47.50
C ALA D 260 24.23 -1.02 49.29
N LYS D 261 21.20 -0.80 48.62
N LYS D 261 25.10 -0.62 50.22
CA LYS D 261 20.09 -1.72 48.86
CA LYS D 261 25.57 -1.54 51.25
C LYS D 261 18.77 -0.99 49.06
C LYS D 261 24.43 -1.97 52.16
N ASN D 262 18.80 0.26 49.50
N ASN D 262 23.52 -1.05 52.45
CA ASN D 262 17.59 1.00 49.82
CA ASN D 262 22.42 -1.29 53.39
C ASN D 262 17.02 1.76 48.63
C ASN D 262 21.12 -1.60 52.66
N ILE D 263 17.76 1.86 47.52
CA ILE D 263 17.32 2.63 46.37
C ILE D 263 16.96 1.76 45.18
N VAL D 264 17.32 0.47 45.19
N VAL D 264 17.93 -1.32 49.68
CA VAL D 264 17.06 -0.44 44.06
CA VAL D 264 16.59 -0.74 49.72
C VAL D 264 15.56 -0.51 43.78
C VAL D 264 16.01 -0.69 48.32
N GLY D 265 14.77 -0.75 44.81
N GLY D 265 14.74 -1.08 48.22
CA GLY D 265 13.34 -0.86 44.60
CA GLY D 265 14.01 -0.98 46.97
C GLY D 265 12.71 0.39 44.03
C GLY D 265 12.53 -0.90 47.29
N PHE D 266 13.43 1.51 44.08
N PHE D 266 11.80 -0.18 46.44
CA PHE D 266 12.89 2.80 43.74
CA PHE D 266 10.42 0.18 46.75
C PHE D 266 13.48 3.38 42.48
C PHE D 266 9.47 0.00 45.57
#